data_6N8R
#
_entry.id   6N8R
#
_cell.length_a   173.570
_cell.length_b   46.562
_cell.length_c   137.228
_cell.angle_alpha   90.000
_cell.angle_beta   115.840
_cell.angle_gamma   90.000
#
_symmetry.space_group_name_H-M   'C 1 2 1'
#
loop_
_entity.id
_entity.type
_entity.pdbx_description
1 polymer 'Lethal(2) giant larvae protein homolog 2'
2 non-polymer 'CHLORIDE ION'
3 non-polymer GLYCEROL
4 water water
#
_entity_poly.entity_id   1
_entity_poly.type   'polypeptide(L)'
_entity_poly.pdbx_seq_one_letter_code
;MRERLKRDLFQFNKTVEHGFPHQPSALGYSPSLRILAIGTRSGAIKLYGAPGVEFMGLHQENNAVTQIHLLPGQCQLVTL
LDDNSLHLWSLKVKGGASELQEDESFTLRGPPGAAPSATQITVVLPHSSCELLYLGTESGNVFVVQLPAFRALEDRTISS
DAVLQRLPEEARHRRVFEMVEALQEHPRDPNQILIGYSRGLVVIWDLQGSRVLYHFLSSQQLENIWWQRDGRLLVSCHSD
GSYCQWPVSSEAQQPEPLRSLVPYGPFPCKAITRILWLTTRQGLPFTIFQGGMPRASYGDRHCISVIHDGQQTAFDFTSR
VIGFTVLTEADPAATFDDPYALVVLAEEELVVIDLQTAGWPPVQLPYLASLHCSAITCSHHVSNIPLKLWERIIAAGSRQ
NAHFSTMEWPIDGGTSLTPAPPQRDLLLTGHEDGTVRFWDASGVCLRLLYKLSTVRVFLTDTDPNENFSAQGEDEWPPLR
KVGSFDPYSDDPRLGIQKIFLCKYSGYLAVAGTAGQVLVLELNDEAAEQAVEQVEADLLQDQEGYRWKGHERLAARSGPV
RFEPGFQPFVLVQCQPPAVVTSLALHSEWRLVAFGTSHGFGLFDHQQRRQVFVKCTLHPSDQLALEGPLSRVKSLKKSLR
QSFRRMRRSRVSSRKRHPAGPPGEAQEGSAKAERPGLQNMELAPVQRKIEARSAEDSFTGFVRTLYFADTYLKDSSRHCP
SLWAGTNGGTIYAFSLRVPPAERRMDEPVRAEQAKEIQLMHRAPVVGILVLDGHSVPLPEPLEVAHDLSKSPDMQGSHQL
LVVSEEQFKVFTLPKVSAKLKLKLTALEGSRVRRVSVAHFGSRRAEDYGEHHLAVLTNLGDIQVVSLPLLKPQVRYSCIR
REDVSGIASCVFTKYGQGFYLISPSEFERFSLSTKWLVEPRCLVDSAETKNHRPGNGAGPKKAPSRARNSGTQSDGEEKQ
PGLVMEREFTTASENLYFQ
;
_entity_poly.pdbx_strand_id   A
#
loop_
_chem_comp.id
_chem_comp.type
_chem_comp.name
_chem_comp.formula
CL non-polymer 'CHLORIDE ION' 'Cl -1'
GOL non-polymer GLYCEROL 'C3 H8 O3'
#
# COMPACT_ATOMS: atom_id res chain seq x y z
N MET A 1 -21.67 16.04 26.35
CA MET A 1 -23.02 15.57 26.10
C MET A 1 -23.32 14.32 26.91
N ARG A 2 -24.61 13.97 27.02
CA ARG A 2 -25.00 12.75 27.70
C ARG A 2 -24.34 11.54 27.06
N GLU A 3 -24.07 10.52 27.87
CA GLU A 3 -23.42 9.32 27.36
C GLU A 3 -24.29 8.60 26.34
N ARG A 4 -25.61 8.64 26.52
CA ARG A 4 -26.50 8.04 25.53
C ARG A 4 -26.34 8.71 24.17
N LEU A 5 -26.07 10.01 24.16
CA LEU A 5 -25.83 10.70 22.89
C LEU A 5 -24.45 10.37 22.33
N LYS A 6 -23.47 10.13 23.19
CA LYS A 6 -22.16 9.69 22.71
C LYS A 6 -22.25 8.37 21.98
N ARG A 7 -23.08 7.45 22.47
CA ARG A 7 -23.18 6.13 21.86
C ARG A 7 -23.88 6.17 20.50
N ASP A 8 -24.63 7.22 20.21
CA ASP A 8 -25.21 7.37 18.88
C ASP A 8 -24.22 7.95 17.89
N LEU A 9 -23.17 8.61 18.38
CA LEU A 9 -22.21 9.31 17.54
C LEU A 9 -20.85 8.63 17.46
N PHE A 10 -20.32 8.13 18.58
CA PHE A 10 -18.95 7.69 18.65
C PHE A 10 -18.87 6.20 18.97
N GLN A 11 -17.98 5.51 18.26
CA GLN A 11 -17.68 4.10 18.51
C GLN A 11 -16.41 3.74 17.76
N PHE A 12 -15.39 3.26 18.46
CA PHE A 12 -14.07 3.05 17.88
C PHE A 12 -13.91 1.61 17.38
N ASN A 13 -13.47 1.47 16.13
CA ASN A 13 -13.21 0.17 15.53
C ASN A 13 -12.12 0.31 14.47
N LYS A 14 -11.19 -0.63 14.45
CA LYS A 14 -10.24 -0.78 13.35
C LYS A 14 -10.82 -1.82 12.40
N THR A 15 -11.02 -1.44 11.15
CA THR A 15 -11.90 -2.20 10.27
C THR A 15 -11.19 -2.93 9.14
N VAL A 16 -10.15 -2.36 8.54
CA VAL A 16 -9.53 -2.98 7.37
C VAL A 16 -8.11 -2.42 7.22
N GLU A 17 -7.25 -3.20 6.58
CA GLU A 17 -5.91 -2.79 6.23
C GLU A 17 -5.81 -2.60 4.72
N HIS A 18 -5.11 -1.55 4.30
CA HIS A 18 -4.96 -1.20 2.88
C HIS A 18 -3.48 -1.22 2.50
N GLY A 19 -3.15 -1.95 1.45
CA GLY A 19 -1.81 -1.92 0.93
C GLY A 19 -1.11 -3.26 0.89
N PHE A 20 0.21 -3.23 0.77
CA PHE A 20 1.03 -4.44 0.65
C PHE A 20 1.53 -4.84 2.02
N PRO A 21 1.22 -6.05 2.51
CA PRO A 21 1.60 -6.43 3.86
C PRO A 21 3.11 -6.51 4.03
N HIS A 22 3.57 -6.17 5.23
CA HIS A 22 5.00 -6.03 5.50
C HIS A 22 5.67 -7.40 5.58
N GLN A 23 6.78 -7.53 4.86
CA GLN A 23 7.66 -8.70 4.88
C GLN A 23 6.91 -9.99 4.59
N PRO A 24 6.45 -10.20 3.36
CA PRO A 24 5.83 -11.48 3.01
C PRO A 24 6.87 -12.59 3.00
N SER A 25 6.39 -13.82 3.22
CA SER A 25 7.28 -14.97 3.32
C SER A 25 6.79 -16.20 2.58
N ALA A 26 5.55 -16.24 2.11
CA ALA A 26 5.04 -17.39 1.39
C ALA A 26 3.92 -16.93 0.46
N LEU A 27 3.71 -17.71 -0.60
CA LEU A 27 2.64 -17.47 -1.55
C LEU A 27 1.89 -18.77 -1.80
N GLY A 28 0.57 -18.67 -1.90
CA GLY A 28 -0.26 -19.80 -2.27
C GLY A 28 -1.32 -19.35 -3.24
N TYR A 29 -1.88 -20.32 -3.96
CA TYR A 29 -2.94 -20.02 -4.93
C TYR A 29 -3.79 -21.24 -5.16
N SER A 30 -5.11 -21.05 -5.12
CA SER A 30 -6.06 -22.10 -5.47
C SER A 30 -6.57 -21.84 -6.87
N PRO A 31 -6.25 -22.68 -7.87
CA PRO A 31 -6.81 -22.49 -9.20
C PRO A 31 -8.30 -22.77 -9.28
N SER A 32 -8.86 -23.56 -8.36
CA SER A 32 -10.29 -23.85 -8.39
C SER A 32 -11.09 -22.69 -7.81
N LEU A 33 -10.55 -22.00 -6.81
CA LEU A 33 -11.21 -20.87 -6.19
C LEU A 33 -10.76 -19.53 -6.74
N ARG A 34 -9.68 -19.49 -7.51
CA ARG A 34 -9.09 -18.26 -8.02
C ARG A 34 -8.86 -17.26 -6.88
N ILE A 35 -8.10 -17.71 -5.90
CA ILE A 35 -7.87 -16.95 -4.67
C ILE A 35 -6.38 -17.00 -4.33
N LEU A 36 -5.82 -15.82 -4.06
CA LEU A 36 -4.40 -15.68 -3.74
C LEU A 36 -4.20 -15.71 -2.22
N ALA A 37 -3.07 -16.26 -1.80
CA ALA A 37 -2.73 -16.38 -0.39
C ALA A 37 -1.32 -15.85 -0.13
N ILE A 38 -1.17 -15.09 0.96
CA ILE A 38 0.11 -14.49 1.31
C ILE A 38 0.36 -14.71 2.80
N GLY A 39 1.51 -15.29 3.13
CA GLY A 39 1.94 -15.41 4.50
C GLY A 39 3.06 -14.44 4.79
N THR A 40 3.22 -14.05 6.05
CA THR A 40 4.19 -13.05 6.45
C THR A 40 5.15 -13.61 7.49
N ARG A 41 6.24 -12.89 7.72
CA ARG A 41 7.18 -13.27 8.77
C ARG A 41 6.51 -13.23 10.15
N SER A 42 5.50 -12.38 10.32
CA SER A 42 4.80 -12.25 11.59
C SER A 42 3.76 -13.33 11.83
N GLY A 43 3.62 -14.29 10.91
CA GLY A 43 2.66 -15.35 11.05
C GLY A 43 1.28 -15.06 10.51
N ALA A 44 1.08 -13.94 9.82
CA ALA A 44 -0.22 -13.62 9.26
C ALA A 44 -0.46 -14.42 7.99
N ILE A 45 -1.73 -14.73 7.76
CA ILE A 45 -2.18 -15.32 6.50
C ILE A 45 -3.21 -14.38 5.92
N LYS A 46 -3.09 -14.08 4.63
CA LYS A 46 -3.99 -13.15 3.97
C LYS A 46 -4.44 -13.74 2.64
N LEU A 47 -5.75 -13.83 2.46
CA LEU A 47 -6.37 -14.39 1.26
C LEU A 47 -7.05 -13.28 0.47
N TYR A 48 -7.00 -13.38 -0.86
CA TYR A 48 -7.57 -12.37 -1.73
C TYR A 48 -8.24 -13.02 -2.94
N GLY A 49 -9.41 -12.51 -3.30
CA GLY A 49 -10.11 -12.89 -4.50
C GLY A 49 -10.48 -11.66 -5.29
N ALA A 50 -11.70 -11.65 -5.81
CA ALA A 50 -12.21 -10.45 -6.46
C ALA A 50 -12.22 -9.30 -5.46
N PRO A 51 -12.09 -8.06 -5.94
CA PRO A 51 -12.12 -6.91 -5.02
C PRO A 51 -13.32 -6.96 -4.08
N GLY A 52 -13.04 -6.88 -2.79
CA GLY A 52 -14.04 -7.09 -1.76
C GLY A 52 -13.99 -8.47 -1.13
N VAL A 53 -13.32 -9.42 -1.75
CA VAL A 53 -13.14 -10.76 -1.19
C VAL A 53 -11.75 -10.81 -0.56
N GLU A 54 -11.69 -10.81 0.77
CA GLU A 54 -10.40 -10.91 1.45
C GLU A 54 -10.62 -11.41 2.87
N PHE A 55 -9.64 -12.17 3.35
CA PHE A 55 -9.65 -12.73 4.69
C PHE A 55 -8.28 -12.56 5.30
N MET A 56 -8.24 -12.46 6.63
CA MET A 56 -6.98 -12.42 7.35
C MET A 56 -7.05 -13.34 8.55
N GLY A 57 -5.93 -13.98 8.84
CA GLY A 57 -5.81 -14.80 10.03
C GLY A 57 -4.40 -14.70 10.58
N LEU A 58 -4.26 -15.08 11.85
CA LEU A 58 -2.97 -15.03 12.54
C LEU A 58 -2.70 -16.36 13.20
N HIS A 59 -1.50 -16.88 13.01
CA HIS A 59 -1.06 -18.06 13.75
C HIS A 59 -0.72 -17.66 15.17
N GLN A 60 -1.07 -18.53 16.13
CA GLN A 60 -0.92 -18.16 17.53
C GLN A 60 0.53 -18.02 17.93
N GLU A 61 1.42 -18.85 17.38
CA GLU A 61 2.84 -18.57 17.44
C GLU A 61 3.20 -17.61 16.31
N ASN A 62 3.82 -16.49 16.66
CA ASN A 62 4.10 -15.45 15.68
C ASN A 62 5.39 -15.75 14.92
N ASN A 63 5.39 -16.89 14.25
CA ASN A 63 6.49 -17.39 13.45
C ASN A 63 6.18 -17.24 11.97
N ALA A 64 7.24 -17.25 11.16
CA ALA A 64 7.08 -16.99 9.73
C ALA A 64 6.33 -18.11 9.03
N VAL A 65 5.41 -17.73 8.15
CA VAL A 65 4.74 -18.68 7.26
C VAL A 65 5.68 -18.95 6.09
N THR A 66 6.05 -20.23 5.90
CA THR A 66 6.97 -20.58 4.82
C THR A 66 6.30 -21.24 3.62
N GLN A 67 5.15 -21.89 3.80
CA GLN A 67 4.45 -22.52 2.69
C GLN A 67 2.94 -22.42 2.91
N ILE A 68 2.21 -22.28 1.82
CA ILE A 68 0.74 -22.20 1.83
C ILE A 68 0.22 -23.10 0.72
N HIS A 69 -0.59 -24.10 1.08
CA HIS A 69 -1.12 -25.06 0.12
C HIS A 69 -2.64 -25.08 0.24
N LEU A 70 -3.31 -24.48 -0.74
CA LEU A 70 -4.77 -24.51 -0.76
C LEU A 70 -5.22 -25.84 -1.34
N LEU A 71 -6.08 -26.55 -0.61
CA LEU A 71 -6.41 -27.92 -0.96
C LEU A 71 -7.22 -27.96 -2.26
N PRO A 72 -6.94 -28.92 -3.14
CA PRO A 72 -7.58 -28.92 -4.47
C PRO A 72 -9.10 -29.00 -4.37
N GLY A 73 -9.76 -27.98 -4.92
CA GLY A 73 -11.21 -27.93 -4.91
C GLY A 73 -11.79 -27.45 -3.60
N GLN A 74 -11.24 -27.94 -2.49
CA GLN A 74 -11.81 -27.65 -1.18
C GLN A 74 -11.61 -26.20 -0.78
N CYS A 75 -12.45 -25.74 0.14
CA CYS A 75 -12.30 -24.43 0.78
C CYS A 75 -11.44 -24.55 2.04
N GLN A 76 -10.26 -25.15 1.89
CA GLN A 76 -9.34 -25.34 3.00
C GLN A 76 -7.91 -25.04 2.52
N LEU A 77 -7.00 -24.91 3.48
CA LEU A 77 -5.59 -24.73 3.15
C LEU A 77 -4.74 -25.21 4.30
N VAL A 78 -3.50 -25.58 3.98
CA VAL A 78 -2.53 -26.04 4.96
C VAL A 78 -1.32 -25.13 4.86
N THR A 79 -0.92 -24.56 6.00
CA THR A 79 0.26 -23.72 6.08
C THR A 79 1.38 -24.45 6.81
N LEU A 80 2.60 -24.07 6.50
CA LEU A 80 3.79 -24.53 7.20
C LEU A 80 4.54 -23.32 7.74
N LEU A 81 4.91 -23.37 9.00
CA LEU A 81 5.67 -22.30 9.64
C LEU A 81 7.14 -22.69 9.76
N ASP A 82 7.98 -21.70 10.09
CA ASP A 82 9.41 -21.99 10.21
C ASP A 82 9.74 -22.75 11.49
N ASP A 83 8.80 -22.92 12.40
CA ASP A 83 8.95 -23.83 13.53
C ASP A 83 8.54 -25.26 13.17
N ASN A 84 8.35 -25.54 11.88
CA ASN A 84 8.08 -26.86 11.33
C ASN A 84 6.67 -27.36 11.68
N SER A 85 5.77 -26.48 12.10
CA SER A 85 4.40 -26.89 12.43
C SER A 85 3.49 -26.69 11.22
N LEU A 86 2.51 -27.58 11.09
CA LEU A 86 1.50 -27.52 10.04
C LEU A 86 0.18 -27.10 10.64
N HIS A 87 -0.63 -26.40 9.85
CA HIS A 87 -1.89 -25.85 10.33
C HIS A 87 -2.95 -25.98 9.24
N LEU A 88 -4.15 -26.41 9.62
CA LEU A 88 -5.26 -26.60 8.70
C LEU A 88 -6.27 -25.48 8.89
N TRP A 89 -6.45 -24.67 7.85
CA TRP A 89 -7.39 -23.56 7.87
C TRP A 89 -8.58 -23.87 6.95
N SER A 90 -9.67 -23.12 7.15
CA SER A 90 -10.89 -23.35 6.38
C SER A 90 -11.70 -22.08 6.30
N LEU A 91 -12.58 -22.03 5.30
CA LEU A 91 -13.54 -20.94 5.10
C LEU A 91 -14.95 -21.49 5.30
N LYS A 92 -15.50 -21.30 6.49
CA LYS A 92 -16.86 -21.73 6.80
C LYS A 92 -17.81 -20.55 6.70
N VAL A 93 -18.97 -20.78 6.10
CA VAL A 93 -19.98 -19.74 5.93
C VAL A 93 -20.79 -19.65 7.23
N LYS A 94 -20.60 -18.55 7.96
CA LYS A 94 -21.37 -18.27 9.17
C LYS A 94 -22.06 -16.93 8.99
N GLY A 95 -23.38 -16.93 9.11
CA GLY A 95 -24.14 -15.70 8.91
C GLY A 95 -24.25 -15.25 7.47
N GLY A 96 -24.29 -16.19 6.53
CA GLY A 96 -24.41 -15.87 5.13
C GLY A 96 -23.13 -15.36 4.47
N ALA A 97 -22.04 -15.22 5.21
CA ALA A 97 -20.79 -14.74 4.66
C ALA A 97 -19.65 -15.61 5.16
N SER A 98 -18.60 -15.70 4.35
CA SER A 98 -17.46 -16.57 4.67
C SER A 98 -16.56 -15.94 5.72
N GLU A 99 -15.91 -16.79 6.50
CA GLU A 99 -14.93 -16.35 7.48
C GLU A 99 -13.81 -17.38 7.57
N LEU A 100 -12.61 -16.90 7.90
CA LEU A 100 -11.41 -17.70 7.93
C LEU A 100 -11.07 -18.04 9.39
N GLN A 101 -10.80 -19.32 9.65
CA GLN A 101 -10.45 -19.76 10.99
C GLN A 101 -9.55 -20.98 10.91
N GLU A 102 -8.71 -21.15 11.92
CA GLU A 102 -7.77 -22.25 11.98
C GLU A 102 -8.39 -23.43 12.73
N ASP A 103 -8.38 -24.60 12.09
CA ASP A 103 -9.05 -25.78 12.63
C ASP A 103 -8.14 -26.60 13.53
N GLU A 104 -6.91 -26.86 13.09
CA GLU A 104 -6.04 -27.76 13.84
C GLU A 104 -4.59 -27.49 13.46
N SER A 105 -3.69 -28.06 14.27
CA SER A 105 -2.26 -27.92 14.07
C SER A 105 -1.59 -29.26 14.32
N PHE A 106 -0.36 -29.39 13.83
CA PHE A 106 0.37 -30.64 13.93
C PHE A 106 1.85 -30.38 13.78
N THR A 107 2.64 -30.88 14.72
CA THR A 107 4.10 -30.84 14.64
C THR A 107 4.59 -32.25 14.39
N LEU A 108 5.17 -32.49 13.21
CA LEU A 108 5.78 -33.77 12.92
C LEU A 108 7.04 -33.93 13.77
N ARG A 109 7.02 -34.90 14.68
CA ARG A 109 8.16 -35.17 15.54
C ARG A 109 8.58 -36.62 15.38
N GLY A 110 9.88 -36.84 15.26
CA GLY A 110 10.41 -38.19 15.17
C GLY A 110 10.57 -38.82 16.53
N PRO A 111 11.03 -40.07 16.52
CA PRO A 111 11.32 -40.75 17.78
C PRO A 111 12.42 -40.04 18.53
N PRO A 112 12.34 -39.98 19.87
CA PRO A 112 13.35 -39.25 20.65
C PRO A 112 14.75 -39.76 20.35
N GLY A 113 15.64 -38.83 20.02
CA GLY A 113 16.98 -39.18 19.61
C GLY A 113 17.29 -38.69 18.21
N ALA A 114 16.28 -38.75 17.34
CA ALA A 114 16.44 -38.23 15.99
C ALA A 114 16.56 -36.70 16.03
N ALA A 115 17.56 -36.18 15.32
CA ALA A 115 17.80 -34.74 15.34
C ALA A 115 16.67 -34.00 14.64
N PRO A 116 16.39 -32.75 15.03
CA PRO A 116 15.38 -31.96 14.32
C PRO A 116 15.77 -31.70 12.87
N SER A 117 17.07 -31.67 12.58
CA SER A 117 17.55 -31.51 11.21
C SER A 117 17.12 -32.66 10.31
N ALA A 118 16.51 -33.70 10.88
CA ALA A 118 16.00 -34.83 10.11
C ALA A 118 14.51 -34.73 9.84
N THR A 119 13.72 -34.33 10.84
CA THR A 119 12.28 -34.21 10.69
C THR A 119 11.83 -32.87 10.12
N GLN A 120 12.77 -32.01 9.70
CA GLN A 120 12.42 -30.74 9.09
C GLN A 120 11.68 -30.97 7.78
N ILE A 121 10.46 -30.45 7.68
CA ILE A 121 9.67 -30.62 6.46
C ILE A 121 10.26 -29.76 5.36
N THR A 122 10.49 -30.36 4.19
CA THR A 122 10.94 -29.63 3.01
C THR A 122 9.80 -29.42 2.02
N VAL A 123 9.16 -30.50 1.58
CA VAL A 123 8.08 -30.44 0.61
C VAL A 123 6.79 -30.93 1.26
N VAL A 124 5.68 -30.23 0.99
CA VAL A 124 4.36 -30.64 1.44
C VAL A 124 3.52 -30.96 0.21
N LEU A 125 3.09 -32.22 0.09
CA LEU A 125 2.29 -32.64 -1.05
C LEU A 125 0.89 -33.02 -0.60
N PRO A 126 -0.12 -32.19 -0.87
CA PRO A 126 -1.51 -32.62 -0.63
C PRO A 126 -1.96 -33.57 -1.73
N HIS A 127 -2.45 -34.74 -1.34
CA HIS A 127 -2.87 -35.74 -2.31
C HIS A 127 -4.18 -35.32 -2.98
N SER A 128 -4.36 -35.75 -4.23
CA SER A 128 -5.57 -35.39 -4.96
C SER A 128 -6.83 -35.95 -4.31
N SER A 129 -6.69 -36.99 -3.49
CA SER A 129 -7.84 -37.52 -2.75
C SER A 129 -8.29 -36.61 -1.61
N CYS A 130 -7.51 -35.58 -1.30
CA CYS A 130 -7.85 -34.60 -0.25
C CYS A 130 -7.98 -35.25 1.13
N GLU A 131 -7.29 -36.37 1.33
CA GLU A 131 -7.30 -37.07 2.61
C GLU A 131 -5.92 -37.28 3.20
N LEU A 132 -4.85 -37.07 2.44
CA LEU A 132 -3.51 -37.37 2.89
C LEU A 132 -2.56 -36.21 2.59
N LEU A 133 -1.65 -35.97 3.52
CA LEU A 133 -0.50 -35.09 3.30
C LEU A 133 0.75 -35.95 3.30
N TYR A 134 1.51 -35.91 2.21
CA TYR A 134 2.83 -36.50 2.16
C TYR A 134 3.86 -35.42 2.46
N LEU A 135 4.82 -35.75 3.33
CA LEU A 135 5.75 -34.77 3.87
C LEU A 135 7.17 -35.23 3.61
N GLY A 136 7.88 -34.53 2.73
CA GLY A 136 9.30 -34.78 2.54
C GLY A 136 10.12 -34.06 3.59
N THR A 137 11.22 -34.69 3.99
CA THR A 137 12.05 -34.19 5.07
C THR A 137 13.50 -34.10 4.64
N GLU A 138 14.29 -33.37 5.45
CA GLU A 138 15.71 -33.22 5.17
C GLU A 138 16.47 -34.54 5.31
N SER A 139 15.93 -35.51 6.06
CA SER A 139 16.56 -36.81 6.19
C SER A 139 16.40 -37.66 4.93
N GLY A 140 15.40 -37.37 4.10
CA GLY A 140 15.10 -38.16 2.93
C GLY A 140 13.90 -39.07 3.09
N ASN A 141 13.20 -39.00 4.22
CA ASN A 141 12.05 -39.84 4.49
C ASN A 141 10.77 -39.07 4.21
N VAL A 142 9.79 -39.77 3.65
CA VAL A 142 8.49 -39.20 3.34
C VAL A 142 7.47 -39.72 4.35
N PHE A 143 6.91 -38.81 5.13
CA PHE A 143 5.89 -39.15 6.11
C PHE A 143 4.51 -38.85 5.55
N VAL A 144 3.51 -39.56 6.08
CA VAL A 144 2.13 -39.43 5.63
C VAL A 144 1.27 -39.01 6.82
N VAL A 145 0.41 -38.02 6.61
CA VAL A 145 -0.44 -37.47 7.65
C VAL A 145 -1.87 -37.43 7.14
N GLN A 146 -2.81 -37.89 7.96
CA GLN A 146 -4.21 -37.93 7.58
C GLN A 146 -4.86 -36.56 7.73
N LEU A 147 -5.90 -36.32 6.94
CA LEU A 147 -6.57 -35.03 6.89
C LEU A 147 -8.06 -35.25 6.68
N PRO A 148 -8.93 -34.65 7.52
CA PRO A 148 -8.59 -33.81 8.67
C PRO A 148 -8.18 -34.63 9.89
N ALA A 149 -8.31 -34.05 11.07
CA ALA A 149 -7.88 -34.69 12.31
C ALA A 149 -6.44 -35.16 12.19
N PHE A 150 -5.49 -34.25 12.36
CA PHE A 150 -4.08 -34.51 12.13
C PHE A 150 -3.63 -35.77 12.88
N ARG A 151 -3.10 -36.72 12.12
CA ARG A 151 -2.64 -37.99 12.69
C ARG A 151 -1.60 -38.59 11.75
N ALA A 152 -0.37 -38.74 12.23
CA ALA A 152 0.66 -39.39 11.43
C ALA A 152 0.33 -40.87 11.26
N LEU A 153 0.66 -41.40 10.08
CA LEU A 153 0.39 -42.79 9.73
C LEU A 153 1.75 -43.47 9.53
N GLU A 154 2.32 -43.98 10.63
CA GLU A 154 3.68 -44.50 10.57
C GLU A 154 3.80 -45.71 9.64
N ASP A 155 2.70 -46.42 9.41
CA ASP A 155 2.74 -47.59 8.53
C ASP A 155 2.89 -47.22 7.07
N ARG A 156 2.60 -45.98 6.69
CA ARG A 156 2.67 -45.54 5.31
C ARG A 156 3.95 -44.77 4.98
N THR A 157 4.92 -44.76 5.90
CA THR A 157 6.14 -44.00 5.68
C THR A 157 6.97 -44.59 4.55
N ILE A 158 7.49 -43.72 3.70
CA ILE A 158 8.38 -44.11 2.60
C ILE A 158 9.77 -43.59 2.96
N SER A 159 10.61 -44.46 3.51
CA SER A 159 11.94 -44.06 3.94
C SER A 159 12.92 -44.10 2.77
N SER A 160 14.07 -43.43 2.96
CA SER A 160 15.11 -43.48 1.95
C SER A 160 15.72 -44.87 1.85
N ASP A 161 15.86 -45.57 2.99
CA ASP A 161 16.39 -46.92 2.98
C ASP A 161 15.43 -47.90 2.30
N ALA A 162 14.12 -47.63 2.35
CA ALA A 162 13.16 -48.47 1.65
C ALA A 162 13.17 -48.21 0.15
N VAL A 163 13.48 -46.98 -0.27
CA VAL A 163 13.58 -46.68 -1.69
C VAL A 163 14.87 -47.25 -2.26
N LEU A 164 15.99 -47.06 -1.56
CA LEU A 164 17.29 -47.47 -2.08
C LEU A 164 17.41 -48.98 -2.21
N GLN A 165 16.62 -49.75 -1.46
CA GLN A 165 16.71 -51.21 -1.56
C GLN A 165 16.12 -51.72 -2.87
N ARG A 166 15.16 -51.01 -3.43
CA ARG A 166 14.57 -51.38 -4.72
C ARG A 166 15.47 -51.00 -5.90
N LEU A 167 16.61 -50.38 -5.67
CA LEU A 167 17.45 -49.81 -6.71
C LEU A 167 18.74 -50.59 -6.88
N PRO A 168 19.43 -50.44 -8.02
CA PRO A 168 20.75 -51.07 -8.19
C PRO A 168 21.81 -50.52 -7.24
N GLU A 169 23.02 -51.09 -7.31
CA GLU A 169 24.06 -50.73 -6.37
C GLU A 169 24.61 -49.33 -6.62
N GLU A 170 24.77 -48.95 -7.89
CA GLU A 170 25.37 -47.66 -8.21
C GLU A 170 24.47 -46.48 -7.88
N ALA A 171 23.18 -46.71 -7.63
CA ALA A 171 22.25 -45.64 -7.30
C ALA A 171 22.01 -45.53 -5.80
N ARG A 172 22.78 -46.24 -4.97
CA ARG A 172 22.55 -46.30 -3.54
C ARG A 172 23.51 -45.42 -2.74
N HIS A 173 24.43 -44.72 -3.39
CA HIS A 173 25.46 -43.94 -2.69
C HIS A 173 24.80 -42.68 -2.12
N ARG A 174 24.20 -42.86 -0.95
CA ARG A 174 23.41 -41.82 -0.30
C ARG A 174 24.27 -40.93 0.58
N ARG A 175 23.79 -39.70 0.80
CA ARG A 175 24.36 -38.81 1.79
C ARG A 175 23.61 -38.99 3.11
N VAL A 176 24.17 -38.41 4.18
CA VAL A 176 23.56 -38.55 5.51
C VAL A 176 22.16 -37.96 5.51
N PHE A 177 22.01 -36.74 5.01
CA PHE A 177 20.71 -36.09 4.86
C PHE A 177 20.36 -36.13 3.38
N GLU A 178 19.52 -37.11 2.99
CA GLU A 178 19.16 -37.26 1.59
C GLU A 178 18.45 -36.03 1.05
N MET A 179 17.73 -35.31 1.91
CA MET A 179 17.11 -34.03 1.57
C MET A 179 16.10 -34.18 0.43
N VAL A 180 14.84 -34.45 0.77
CA VAL A 180 13.80 -34.50 -0.24
C VAL A 180 13.63 -33.11 -0.84
N GLU A 181 13.94 -32.97 -2.12
CA GLU A 181 13.80 -31.70 -2.82
C GLU A 181 12.56 -31.62 -3.67
N ALA A 182 12.00 -32.76 -4.08
CA ALA A 182 10.80 -32.79 -4.89
C ALA A 182 9.91 -33.91 -4.39
N LEU A 183 8.60 -33.66 -4.39
CA LEU A 183 7.63 -34.64 -3.91
C LEU A 183 6.30 -34.30 -4.58
N GLN A 184 5.96 -35.06 -5.63
CA GLN A 184 4.83 -34.71 -6.47
C GLN A 184 4.01 -35.96 -6.79
N GLU A 185 2.76 -35.72 -7.17
CA GLU A 185 1.83 -36.78 -7.55
C GLU A 185 1.76 -36.88 -9.07
N HIS A 186 1.56 -38.09 -9.57
CA HIS A 186 1.44 -38.29 -11.00
C HIS A 186 0.23 -37.52 -11.52
N PRO A 187 0.38 -36.70 -12.57
CA PRO A 187 -0.74 -35.86 -13.01
C PRO A 187 -1.93 -36.66 -13.52
N ARG A 188 -1.76 -37.95 -13.82
CA ARG A 188 -2.84 -38.77 -14.37
C ARG A 188 -2.99 -40.10 -13.63
N ASP A 189 -2.42 -40.22 -12.43
CA ASP A 189 -2.53 -41.45 -11.65
C ASP A 189 -2.27 -41.19 -10.17
N PRO A 190 -3.31 -41.15 -9.34
CA PRO A 190 -3.11 -40.86 -7.91
C PRO A 190 -2.38 -41.95 -7.14
N ASN A 191 -1.98 -43.05 -7.78
CA ASN A 191 -1.24 -44.12 -7.10
C ASN A 191 0.27 -43.94 -7.17
N GLN A 192 0.77 -43.11 -8.08
CA GLN A 192 2.19 -42.89 -8.26
C GLN A 192 2.59 -41.53 -7.70
N ILE A 193 3.73 -41.49 -7.02
CA ILE A 193 4.32 -40.24 -6.56
C ILE A 193 5.79 -40.21 -6.95
N LEU A 194 6.27 -39.02 -7.25
CA LEU A 194 7.68 -38.79 -7.55
C LEU A 194 8.37 -38.30 -6.28
N ILE A 195 9.55 -38.86 -6.00
CA ILE A 195 10.40 -38.39 -4.91
C ILE A 195 11.75 -38.04 -5.50
N GLY A 196 12.23 -36.84 -5.21
CA GLY A 196 13.53 -36.39 -5.66
C GLY A 196 14.39 -35.98 -4.48
N TYR A 197 15.65 -36.41 -4.50
CA TYR A 197 16.59 -36.12 -3.44
C TYR A 197 17.66 -35.17 -3.95
N SER A 198 18.36 -34.55 -3.00
CA SER A 198 19.30 -33.47 -3.34
C SER A 198 20.42 -33.96 -4.24
N ARG A 199 20.96 -35.15 -3.98
CA ARG A 199 22.11 -35.62 -4.73
C ARG A 199 21.79 -35.98 -6.18
N GLY A 200 20.52 -35.97 -6.57
CA GLY A 200 20.15 -36.18 -7.95
C GLY A 200 19.30 -37.41 -8.21
N LEU A 201 19.08 -38.27 -7.23
CA LEU A 201 18.23 -39.44 -7.44
C LEU A 201 16.77 -39.05 -7.47
N VAL A 202 16.07 -39.44 -8.53
CA VAL A 202 14.63 -39.20 -8.66
C VAL A 202 13.97 -40.55 -8.90
N VAL A 203 12.94 -40.86 -8.12
CA VAL A 203 12.20 -42.11 -8.29
C VAL A 203 10.72 -41.80 -8.50
N ILE A 204 10.04 -42.73 -9.16
CA ILE A 204 8.58 -42.73 -9.23
C ILE A 204 8.10 -43.97 -8.48
N TRP A 205 7.22 -43.77 -7.52
CA TRP A 205 6.95 -44.73 -6.47
C TRP A 205 5.51 -45.22 -6.56
N ASP A 206 5.33 -46.53 -6.64
CA ASP A 206 4.00 -47.14 -6.59
C ASP A 206 3.57 -47.23 -5.14
N LEU A 207 2.59 -46.42 -4.75
CA LEU A 207 2.18 -46.34 -3.35
C LEU A 207 1.54 -47.65 -2.89
N GLN A 208 0.62 -48.19 -3.69
CA GLN A 208 -0.09 -49.41 -3.29
C GLN A 208 0.84 -50.62 -3.26
N GLY A 209 1.76 -50.70 -4.22
CA GLY A 209 2.68 -51.82 -4.31
C GLY A 209 4.00 -51.65 -3.60
N SER A 210 4.28 -50.43 -3.11
CA SER A 210 5.50 -50.16 -2.34
C SER A 210 6.75 -50.56 -3.12
N ARG A 211 6.88 -50.04 -4.34
CA ARG A 211 7.98 -50.42 -5.21
C ARG A 211 8.31 -49.26 -6.15
N VAL A 212 9.57 -49.22 -6.57
CA VAL A 212 10.04 -48.18 -7.50
C VAL A 212 9.71 -48.60 -8.92
N LEU A 213 9.01 -47.74 -9.65
CA LEU A 213 8.64 -48.00 -11.02
C LEU A 213 9.63 -47.41 -12.03
N TYR A 214 10.40 -46.40 -11.63
CA TYR A 214 11.13 -45.53 -12.53
C TYR A 214 12.16 -44.78 -11.71
N HIS A 215 13.31 -44.50 -12.30
CA HIS A 215 14.32 -43.74 -11.58
C HIS A 215 15.40 -43.26 -12.53
N PHE A 216 16.09 -42.19 -12.12
CA PHE A 216 17.32 -41.76 -12.77
C PHE A 216 18.18 -41.05 -11.74
N LEU A 217 19.46 -40.92 -12.06
CA LEU A 217 20.44 -40.27 -11.19
C LEU A 217 21.09 -39.13 -12.00
N SER A 218 20.66 -37.90 -11.75
CA SER A 218 21.17 -36.77 -12.51
C SER A 218 22.63 -36.48 -12.14
N SER A 219 23.34 -35.88 -13.09
CA SER A 219 24.75 -35.58 -12.90
C SER A 219 24.97 -34.40 -11.96
N GLN A 220 24.03 -33.46 -11.91
CA GLN A 220 24.13 -32.27 -11.08
C GLN A 220 23.18 -32.38 -9.89
N GLN A 221 23.48 -31.59 -8.86
CA GLN A 221 22.65 -31.57 -7.67
C GLN A 221 21.25 -31.06 -8.01
N LEU A 222 20.24 -31.74 -7.49
CA LEU A 222 18.85 -31.46 -7.83
C LEU A 222 18.30 -30.30 -6.99
N GLU A 223 17.60 -29.38 -7.66
CA GLU A 223 16.91 -28.28 -7.00
C GLU A 223 15.39 -28.44 -7.00
N ASN A 224 14.80 -28.85 -8.13
CA ASN A 224 13.35 -28.93 -8.21
C ASN A 224 12.96 -29.74 -9.43
N ILE A 225 11.65 -29.97 -9.58
CA ILE A 225 11.09 -30.87 -10.58
C ILE A 225 9.77 -30.30 -11.06
N TRP A 226 9.46 -30.50 -12.34
CA TRP A 226 8.12 -30.25 -12.85
C TRP A 226 7.66 -31.45 -13.67
N TRP A 227 6.41 -31.87 -13.45
CA TRP A 227 5.83 -33.04 -14.09
C TRP A 227 4.83 -32.57 -15.14
N GLN A 228 5.12 -32.82 -16.41
CA GLN A 228 4.27 -32.37 -17.50
C GLN A 228 2.85 -32.86 -17.30
N ARG A 229 1.91 -32.11 -17.87
CA ARG A 229 0.48 -32.34 -17.60
C ARG A 229 0.06 -33.78 -17.88
N ASP A 230 0.60 -34.39 -18.93
CA ASP A 230 0.25 -35.76 -19.25
C ASP A 230 1.10 -36.78 -18.49
N GLY A 231 2.11 -36.34 -17.75
CA GLY A 231 2.95 -37.23 -16.98
C GLY A 231 4.03 -37.94 -17.77
N ARG A 232 4.15 -37.68 -19.06
CA ARG A 232 5.11 -38.38 -19.91
C ARG A 232 6.45 -37.67 -20.02
N LEU A 233 6.61 -36.51 -19.38
CA LEU A 233 7.85 -35.76 -19.45
C LEU A 233 8.13 -35.12 -18.10
N LEU A 234 9.39 -35.18 -17.67
CA LEU A 234 9.86 -34.54 -16.45
C LEU A 234 10.91 -33.50 -16.78
N VAL A 235 10.84 -32.36 -16.12
CA VAL A 235 11.87 -31.32 -16.23
C VAL A 235 12.43 -31.07 -14.84
N SER A 236 13.73 -31.26 -14.69
CA SER A 236 14.45 -31.01 -13.45
C SER A 236 15.33 -29.78 -13.62
N CYS A 237 15.59 -29.08 -12.51
CA CYS A 237 16.53 -27.97 -12.51
C CYS A 237 17.55 -28.20 -11.39
N HIS A 238 18.73 -27.60 -11.56
CA HIS A 238 19.89 -28.04 -10.80
C HIS A 238 20.70 -26.85 -10.29
N SER A 239 21.61 -27.17 -9.35
CA SER A 239 22.35 -26.16 -8.59
C SER A 239 23.39 -25.42 -9.42
N ASP A 240 23.75 -25.92 -10.59
CA ASP A 240 24.70 -25.23 -11.46
C ASP A 240 24.01 -24.34 -12.48
N GLY A 241 22.70 -24.14 -12.33
CA GLY A 241 21.96 -23.29 -13.24
C GLY A 241 21.49 -23.95 -14.50
N SER A 242 21.40 -25.28 -14.53
CA SER A 242 20.95 -26.01 -15.71
C SER A 242 19.61 -26.69 -15.44
N TYR A 243 18.96 -27.12 -16.52
CA TYR A 243 17.75 -27.91 -16.39
C TYR A 243 17.73 -28.98 -17.48
N CYS A 244 17.16 -30.13 -17.14
CA CYS A 244 17.12 -31.29 -18.02
C CYS A 244 15.68 -31.70 -18.30
N GLN A 245 15.48 -32.35 -19.44
CA GLN A 245 14.20 -32.96 -19.79
C GLN A 245 14.35 -34.47 -19.76
N TRP A 246 13.38 -35.15 -19.16
CA TRP A 246 13.42 -36.61 -19.02
C TRP A 246 12.13 -37.22 -19.54
N PRO A 247 12.21 -38.30 -20.31
CA PRO A 247 11.00 -39.01 -20.70
C PRO A 247 10.51 -39.92 -19.59
N VAL A 248 9.19 -40.12 -19.55
CA VAL A 248 8.55 -41.01 -18.60
C VAL A 248 7.73 -42.02 -19.39
N SER A 249 8.16 -43.27 -19.37
CA SER A 249 7.45 -44.34 -20.07
C SER A 249 7.67 -45.68 -19.37
N GLN A 253 12.10 -47.14 -18.38
CA GLN A 253 12.68 -47.24 -17.03
C GLN A 253 14.18 -46.98 -17.07
N GLN A 254 14.67 -46.26 -16.05
CA GLN A 254 16.06 -45.86 -15.93
C GLN A 254 16.55 -45.16 -17.19
N PRO A 255 16.07 -43.94 -17.47
CA PRO A 255 16.42 -43.28 -18.74
C PRO A 255 17.53 -42.26 -18.64
N GLU A 256 17.84 -41.63 -19.76
CA GLU A 256 18.82 -40.57 -19.89
C GLU A 256 18.11 -39.28 -20.31
N PRO A 257 18.74 -38.12 -20.12
CA PRO A 257 18.08 -36.87 -20.50
C PRO A 257 17.85 -36.76 -21.99
N LEU A 258 16.73 -36.13 -22.35
CA LEU A 258 16.49 -35.75 -23.73
C LEU A 258 17.25 -34.48 -24.10
N ARG A 259 17.46 -33.60 -23.12
CA ARG A 259 18.09 -32.30 -23.35
C ARG A 259 18.58 -31.77 -22.02
N SER A 260 19.64 -30.99 -22.08
CA SER A 260 20.22 -30.40 -20.86
C SER A 260 21.06 -29.20 -21.25
N LEU A 261 20.85 -28.08 -20.57
CA LEU A 261 21.52 -26.84 -20.94
C LEU A 261 21.57 -25.91 -19.75
N VAL A 262 22.63 -25.11 -19.70
CA VAL A 262 22.69 -23.96 -18.79
C VAL A 262 22.22 -22.77 -19.61
N PRO A 263 20.98 -22.30 -19.43
CA PRO A 263 20.44 -21.26 -20.32
C PRO A 263 21.28 -20.00 -20.40
N TYR A 264 22.07 -19.70 -19.37
CA TYR A 264 22.86 -18.48 -19.35
C TYR A 264 24.36 -18.76 -19.21
N GLY A 265 24.81 -19.91 -19.71
CA GLY A 265 26.21 -20.19 -19.81
C GLY A 265 26.88 -19.38 -20.90
N PRO A 266 28.18 -19.61 -21.10
CA PRO A 266 29.07 -20.60 -20.49
C PRO A 266 29.65 -20.19 -19.13
N PHE A 267 29.40 -18.95 -18.71
CA PHE A 267 29.87 -18.51 -17.41
C PHE A 267 29.25 -19.37 -16.31
N PRO A 268 29.93 -19.52 -15.18
CA PRO A 268 29.32 -20.20 -14.04
C PRO A 268 28.08 -19.46 -13.56
N CYS A 269 27.00 -20.20 -13.34
CA CYS A 269 25.70 -19.63 -13.02
C CYS A 269 25.20 -20.15 -11.67
N LYS A 270 24.37 -19.33 -11.04
CA LYS A 270 23.72 -19.73 -9.80
C LYS A 270 22.62 -20.74 -10.11
N ALA A 271 22.15 -21.41 -9.06
CA ALA A 271 21.16 -22.46 -9.22
C ALA A 271 19.89 -21.94 -9.87
N ILE A 272 19.24 -22.80 -10.65
CA ILE A 272 17.83 -22.64 -11.00
C ILE A 272 17.04 -23.36 -9.92
N THR A 273 16.29 -22.59 -9.12
CA THR A 273 15.67 -23.13 -7.93
C THR A 273 14.24 -23.61 -8.14
N ARG A 274 13.59 -23.17 -9.21
CA ARG A 274 12.24 -23.63 -9.53
C ARG A 274 12.04 -23.52 -11.02
N ILE A 275 11.33 -24.50 -11.59
CA ILE A 275 11.09 -24.51 -13.04
C ILE A 275 9.69 -25.04 -13.30
N LEU A 276 9.04 -24.47 -14.32
CA LEU A 276 7.72 -24.89 -14.76
C LEU A 276 7.76 -25.18 -16.25
N TRP A 277 7.13 -26.27 -16.66
CA TRP A 277 7.03 -26.66 -18.07
C TRP A 277 5.54 -26.77 -18.39
N LEU A 278 5.04 -25.81 -19.17
CA LEU A 278 3.60 -25.66 -19.38
C LEU A 278 3.30 -25.75 -20.87
N THR A 279 2.39 -26.66 -21.22
CA THR A 279 2.01 -26.88 -22.61
C THR A 279 0.91 -25.91 -23.01
N THR A 280 0.80 -25.68 -24.32
CA THR A 280 -0.25 -24.87 -24.90
C THR A 280 -0.87 -25.61 -26.07
N ARG A 281 -2.15 -25.34 -26.32
CA ARG A 281 -2.85 -25.97 -27.44
C ARG A 281 -2.17 -25.66 -28.77
N GLN A 282 -1.47 -24.54 -28.87
CA GLN A 282 -0.76 -24.16 -30.08
C GLN A 282 0.56 -24.90 -30.26
N GLY A 283 0.89 -25.84 -29.37
CA GLY A 283 2.12 -26.59 -29.52
C GLY A 283 3.38 -25.82 -29.18
N LEU A 284 3.26 -24.71 -28.46
CA LEU A 284 4.42 -23.91 -28.05
C LEU A 284 4.48 -23.88 -26.53
N PRO A 285 5.33 -24.70 -25.91
CA PRO A 285 5.37 -24.75 -24.45
C PRO A 285 6.01 -23.50 -23.85
N PHE A 286 5.65 -23.24 -22.60
CA PHE A 286 6.27 -22.21 -21.77
C PHE A 286 7.31 -22.86 -20.87
N THR A 287 8.47 -22.21 -20.75
CA THR A 287 9.48 -22.61 -19.78
C THR A 287 9.74 -21.42 -18.86
N ILE A 288 9.18 -21.48 -17.65
CA ILE A 288 9.38 -20.46 -16.62
C ILE A 288 10.31 -21.04 -15.58
N PHE A 289 11.41 -20.33 -15.29
CA PHE A 289 12.31 -20.76 -14.23
C PHE A 289 12.85 -19.56 -13.48
N GLN A 290 13.22 -19.79 -12.23
CA GLN A 290 13.71 -18.75 -11.33
C GLN A 290 15.19 -18.95 -11.10
N GLY A 291 15.98 -17.89 -11.29
CA GLY A 291 17.40 -17.96 -11.07
C GLY A 291 18.21 -18.32 -12.29
N GLY A 292 19.32 -19.03 -12.09
CA GLY A 292 20.22 -19.36 -13.18
C GLY A 292 21.06 -18.21 -13.68
N MET A 293 21.19 -17.14 -12.91
CA MET A 293 21.92 -15.96 -13.37
C MET A 293 23.42 -16.24 -13.37
N PRO A 294 24.16 -15.71 -14.36
CA PRO A 294 25.62 -15.74 -14.30
C PRO A 294 26.14 -15.20 -12.98
N ARG A 295 26.94 -16.00 -12.28
CA ARG A 295 27.25 -15.74 -10.88
C ARG A 295 28.03 -14.45 -10.70
N ALA A 296 28.97 -14.17 -11.58
CA ALA A 296 29.86 -13.02 -11.37
C ALA A 296 29.18 -11.70 -11.71
N SER A 297 28.46 -11.65 -12.82
CA SER A 297 27.90 -10.38 -13.29
C SER A 297 26.47 -10.13 -12.83
N TYR A 298 25.71 -11.18 -12.50
CA TYR A 298 24.30 -11.03 -12.19
C TYR A 298 23.87 -11.79 -10.94
N GLY A 299 24.81 -12.22 -10.10
CA GLY A 299 24.44 -12.98 -8.92
C GLY A 299 23.52 -12.24 -7.98
N ASP A 300 23.52 -10.91 -8.03
CA ASP A 300 22.68 -10.08 -7.18
C ASP A 300 21.26 -9.90 -7.72
N ARG A 301 20.92 -10.57 -8.82
CA ARG A 301 19.65 -10.29 -9.51
C ARG A 301 18.57 -11.25 -9.07
N HIS A 302 17.35 -10.71 -8.91
CA HIS A 302 16.17 -11.50 -8.59
C HIS A 302 15.36 -11.64 -9.87
N CYS A 303 15.45 -12.80 -10.51
CA CYS A 303 14.93 -12.98 -11.85
C CYS A 303 14.00 -14.19 -11.94
N ILE A 304 13.02 -14.07 -12.84
CA ILE A 304 12.22 -15.17 -13.31
C ILE A 304 12.17 -15.07 -14.82
N SER A 305 12.70 -16.09 -15.51
CA SER A 305 12.80 -16.09 -16.96
C SER A 305 11.64 -16.85 -17.57
N VAL A 306 11.14 -16.35 -18.70
CA VAL A 306 10.03 -16.96 -19.42
C VAL A 306 10.48 -17.22 -20.86
N ILE A 307 10.38 -18.46 -21.30
CA ILE A 307 10.74 -18.86 -22.65
C ILE A 307 9.48 -19.32 -23.37
N HIS A 308 9.23 -18.76 -24.55
CA HIS A 308 8.05 -19.14 -25.33
C HIS A 308 8.21 -18.69 -26.78
N ASP A 309 8.11 -19.64 -27.70
CA ASP A 309 8.02 -19.36 -29.14
C ASP A 309 9.15 -18.45 -29.61
N GLY A 310 10.39 -18.87 -29.33
CA GLY A 310 11.55 -18.10 -29.71
C GLY A 310 11.77 -16.83 -28.93
N GLN A 311 10.86 -16.45 -28.04
CA GLN A 311 11.00 -15.27 -27.21
C GLN A 311 11.44 -15.67 -25.81
N GLN A 312 12.34 -14.88 -25.22
CA GLN A 312 12.82 -15.16 -23.88
C GLN A 312 13.11 -13.84 -23.16
N THR A 313 12.56 -13.70 -21.95
CA THR A 313 12.73 -12.52 -21.13
C THR A 313 13.07 -12.93 -19.72
N ALA A 314 14.07 -12.29 -19.12
CA ALA A 314 14.42 -12.48 -17.72
C ALA A 314 13.83 -11.31 -16.95
N PHE A 315 12.62 -11.50 -16.44
CA PHE A 315 11.97 -10.47 -15.64
C PHE A 315 12.79 -10.17 -14.40
N ASP A 316 13.08 -8.90 -14.18
CA ASP A 316 13.99 -8.46 -13.13
C ASP A 316 13.21 -7.64 -12.11
N PHE A 317 13.38 -7.97 -10.83
CA PHE A 317 12.65 -7.34 -9.74
C PHE A 317 13.63 -6.69 -8.77
N THR A 318 13.22 -5.56 -8.20
CA THR A 318 14.07 -4.79 -7.30
C THR A 318 14.06 -5.31 -5.87
N SER A 319 13.36 -6.40 -5.60
CA SER A 319 13.39 -7.02 -4.28
C SER A 319 13.34 -8.52 -4.45
N ARG A 320 13.70 -9.23 -3.37
CA ARG A 320 13.83 -10.68 -3.44
C ARG A 320 12.50 -11.33 -3.81
N VAL A 321 12.58 -12.37 -4.63
CA VAL A 321 11.40 -13.13 -5.00
C VAL A 321 11.02 -14.05 -3.85
N ILE A 322 9.81 -13.88 -3.33
CA ILE A 322 9.33 -14.71 -2.24
C ILE A 322 8.60 -15.94 -2.76
N GLY A 323 7.88 -15.78 -3.86
CA GLY A 323 7.19 -16.89 -4.48
C GLY A 323 6.48 -16.40 -5.72
N PHE A 324 6.13 -17.35 -6.58
CA PHE A 324 5.42 -17.00 -7.79
C PHE A 324 4.53 -18.16 -8.19
N THR A 325 3.63 -17.89 -9.13
CA THR A 325 2.73 -18.90 -9.66
C THR A 325 2.35 -18.48 -11.08
N VAL A 326 1.84 -19.43 -11.84
CA VAL A 326 1.42 -19.19 -13.21
C VAL A 326 -0.03 -19.64 -13.36
N LEU A 327 -0.91 -18.70 -13.68
CA LEU A 327 -2.32 -19.02 -13.90
C LEU A 327 -2.48 -19.68 -15.25
N THR A 328 -3.08 -20.86 -15.26
CA THR A 328 -3.31 -21.62 -16.48
C THR A 328 -4.81 -21.79 -16.70
N GLU A 329 -5.21 -21.73 -17.97
CA GLU A 329 -6.62 -21.95 -18.31
C GLU A 329 -7.10 -23.33 -17.87
N ALA A 330 -6.18 -24.26 -17.63
CA ALA A 330 -6.53 -25.66 -17.46
C ALA A 330 -7.13 -25.93 -16.10
N ASP A 331 -8.16 -26.76 -16.09
CA ASP A 331 -8.62 -27.52 -14.94
C ASP A 331 -8.10 -28.94 -15.05
N PRO A 332 -8.24 -29.76 -13.98
CA PRO A 332 -7.69 -31.13 -14.00
C PRO A 332 -7.90 -31.91 -15.29
N ALA A 333 -9.04 -31.72 -15.96
CA ALA A 333 -9.36 -32.54 -17.12
C ALA A 333 -8.62 -32.11 -18.38
N ALA A 334 -8.23 -30.83 -18.47
CA ALA A 334 -7.72 -30.28 -19.73
C ALA A 334 -6.45 -30.99 -20.19
N THR A 335 -6.27 -31.03 -21.51
CA THR A 335 -5.07 -31.64 -22.08
C THR A 335 -3.89 -30.69 -22.07
N PHE A 336 -4.13 -29.40 -22.31
CA PHE A 336 -3.07 -28.40 -22.34
C PHE A 336 -3.17 -27.48 -21.13
N ASP A 337 -2.03 -26.89 -20.77
CA ASP A 337 -2.00 -25.95 -19.65
C ASP A 337 -2.56 -24.59 -20.05
N ASP A 338 -1.99 -23.97 -21.07
CA ASP A 338 -2.40 -22.68 -21.62
C ASP A 338 -2.27 -21.56 -20.58
N PRO A 339 -1.05 -21.15 -20.26
CA PRO A 339 -0.87 -20.08 -19.27
C PRO A 339 -1.36 -18.75 -19.80
N TYR A 340 -1.83 -17.90 -18.87
CA TYR A 340 -2.26 -16.56 -19.23
C TYR A 340 -1.76 -15.48 -18.29
N ALA A 341 -1.24 -15.81 -17.11
CA ALA A 341 -0.71 -14.79 -16.22
C ALA A 341 0.40 -15.38 -15.36
N LEU A 342 1.44 -14.59 -15.14
CA LEU A 342 2.51 -14.90 -14.19
C LEU A 342 2.35 -13.97 -13.00
N VAL A 343 2.16 -14.55 -11.82
CA VAL A 343 1.96 -13.80 -10.58
C VAL A 343 3.19 -13.99 -9.71
N VAL A 344 3.85 -12.88 -9.37
CA VAL A 344 5.10 -12.90 -8.63
C VAL A 344 4.93 -12.11 -7.34
N LEU A 345 5.14 -12.77 -6.21
CA LEU A 345 5.19 -12.10 -4.92
C LEU A 345 6.65 -11.80 -4.61
N ALA A 346 7.02 -10.53 -4.67
CA ALA A 346 8.34 -10.07 -4.27
C ALA A 346 8.28 -9.50 -2.86
N GLU A 347 9.45 -9.32 -2.25
CA GLU A 347 9.48 -8.89 -0.85
C GLU A 347 8.89 -7.50 -0.66
N GLU A 348 8.84 -6.67 -1.70
CA GLU A 348 8.32 -5.32 -1.58
C GLU A 348 7.09 -5.04 -2.44
N GLU A 349 6.65 -5.99 -3.26
CA GLU A 349 5.55 -5.71 -4.17
C GLU A 349 5.03 -7.00 -4.80
N LEU A 350 3.79 -6.92 -5.29
CA LEU A 350 3.19 -7.96 -6.12
C LEU A 350 3.21 -7.52 -7.57
N VAL A 351 3.58 -8.44 -8.46
CA VAL A 351 3.72 -8.16 -9.88
C VAL A 351 2.97 -9.24 -10.67
N VAL A 352 2.13 -8.82 -11.61
CA VAL A 352 1.37 -9.73 -12.46
C VAL A 352 1.68 -9.39 -13.92
N ILE A 353 1.94 -10.43 -14.72
CA ILE A 353 2.33 -10.28 -16.11
C ILE A 353 1.32 -11.00 -16.99
N ASP A 354 0.90 -10.34 -18.06
CA ASP A 354 -0.04 -10.91 -19.03
C ASP A 354 0.76 -11.78 -20.00
N LEU A 355 0.49 -13.09 -19.99
CA LEU A 355 1.23 -14.02 -20.84
C LEU A 355 0.53 -14.32 -22.16
N GLN A 356 -0.69 -13.83 -22.36
CA GLN A 356 -1.36 -14.02 -23.66
C GLN A 356 -0.95 -12.94 -24.65
N THR A 357 -0.77 -11.72 -24.18
CA THR A 357 -0.51 -10.58 -25.04
C THR A 357 0.97 -10.46 -25.36
N ALA A 358 1.30 -10.39 -26.64
CA ALA A 358 2.69 -10.26 -27.06
C ALA A 358 3.33 -9.04 -26.41
N GLY A 359 4.61 -9.18 -26.05
CA GLY A 359 5.29 -8.20 -25.26
C GLY A 359 5.18 -8.42 -23.76
N TRP A 360 4.19 -9.20 -23.31
CA TRP A 360 3.98 -9.57 -21.92
C TRP A 360 3.83 -8.32 -21.04
N PRO A 361 2.77 -7.56 -21.22
CA PRO A 361 2.62 -6.30 -20.48
C PRO A 361 2.15 -6.55 -19.06
N PRO A 362 2.33 -5.59 -18.17
CA PRO A 362 1.89 -5.76 -16.79
C PRO A 362 0.38 -5.60 -16.64
N VAL A 363 -0.14 -6.15 -15.55
CA VAL A 363 -1.55 -6.02 -15.20
C VAL A 363 -1.65 -5.06 -14.03
N GLN A 364 -2.57 -4.09 -14.13
CA GLN A 364 -2.81 -3.17 -13.02
C GLN A 364 -3.31 -3.93 -11.80
N LEU A 365 -2.95 -3.42 -10.62
CA LEU A 365 -3.39 -4.06 -9.39
C LEU A 365 -4.67 -3.41 -8.89
N PRO A 366 -5.70 -4.19 -8.53
CA PRO A 366 -6.87 -3.61 -7.87
C PRO A 366 -6.67 -3.41 -6.37
N TYR A 367 -5.71 -4.12 -5.77
CA TYR A 367 -5.42 -4.02 -4.35
C TYR A 367 -3.97 -4.43 -4.14
N LEU A 368 -3.57 -4.61 -2.89
CA LEU A 368 -2.23 -5.06 -2.53
C LEU A 368 -1.15 -4.17 -3.12
N ALA A 369 -1.44 -2.87 -3.22
CA ALA A 369 -0.51 -1.94 -3.85
C ALA A 369 0.63 -1.57 -2.90
N SER A 370 1.83 -1.49 -3.46
CA SER A 370 2.99 -1.04 -2.70
C SER A 370 2.92 0.48 -2.61
N LEU A 371 2.34 0.96 -1.52
CA LEU A 371 2.24 2.40 -1.30
C LEU A 371 3.61 3.04 -1.13
N HIS A 372 4.64 2.24 -0.87
CA HIS A 372 5.98 2.73 -0.58
C HIS A 372 6.94 2.57 -1.75
N CYS A 373 6.43 2.31 -2.97
CA CYS A 373 7.31 2.21 -4.13
C CYS A 373 8.19 3.44 -4.24
N SER A 374 7.69 4.59 -3.81
CA SER A 374 8.50 5.68 -3.30
C SER A 374 7.99 5.98 -1.89
N ALA A 375 8.92 6.23 -0.97
CA ALA A 375 8.56 6.37 0.44
C ALA A 375 7.53 7.48 0.63
N ILE A 376 6.52 7.20 1.45
CA ILE A 376 5.46 8.18 1.72
C ILE A 376 6.00 9.27 2.63
N THR A 377 5.76 10.53 2.26
CA THR A 377 6.20 11.67 3.05
C THR A 377 5.05 12.52 3.58
N CYS A 378 3.84 12.35 3.08
CA CYS A 378 2.65 13.04 3.60
C CYS A 378 1.43 12.44 2.92
N SER A 379 0.26 12.74 3.48
CA SER A 379 -1.00 12.28 2.92
C SER A 379 -2.06 13.36 3.10
N HIS A 380 -3.18 13.18 2.40
CA HIS A 380 -4.23 14.20 2.36
C HIS A 380 -5.51 13.52 1.89
N HIS A 381 -6.54 13.55 2.72
CA HIS A 381 -7.79 12.85 2.44
C HIS A 381 -8.90 13.84 2.06
N VAL A 382 -9.65 13.50 1.02
CA VAL A 382 -10.74 14.34 0.53
C VAL A 382 -11.99 13.45 0.41
N SER A 383 -13.05 13.83 1.11
CA SER A 383 -14.28 13.05 1.14
C SER A 383 -15.30 13.61 0.17
N ASN A 384 -16.15 12.72 -0.36
CA ASN A 384 -17.25 13.08 -1.25
C ASN A 384 -16.74 13.85 -2.46
N ILE A 385 -16.27 13.14 -3.47
CA ILE A 385 -15.72 13.77 -4.66
C ILE A 385 -16.85 14.01 -5.66
N PRO A 386 -16.91 15.17 -6.30
CA PRO A 386 -17.86 15.37 -7.39
C PRO A 386 -17.60 14.35 -8.50
N LEU A 387 -18.69 13.74 -8.98
CA LEU A 387 -18.57 12.62 -9.92
C LEU A 387 -17.83 13.02 -11.19
N LYS A 388 -18.04 14.25 -11.67
CA LYS A 388 -17.37 14.68 -12.89
C LYS A 388 -15.87 14.78 -12.68
N LEU A 389 -15.43 15.41 -11.58
CA LEU A 389 -14.01 15.45 -11.27
C LEU A 389 -13.45 14.04 -11.09
N TRP A 390 -14.19 13.20 -10.37
CA TRP A 390 -13.77 11.81 -10.15
C TRP A 390 -13.50 11.09 -11.47
N GLU A 391 -14.42 11.21 -12.42
CA GLU A 391 -14.24 10.55 -13.72
C GLU A 391 -13.04 11.12 -14.47
N ARG A 392 -12.77 12.41 -14.31
CA ARG A 392 -11.65 13.02 -15.03
C ARG A 392 -10.31 12.59 -14.44
N ILE A 393 -10.26 12.41 -13.12
CA ILE A 393 -9.06 11.83 -12.51
C ILE A 393 -8.83 10.43 -13.05
N ILE A 394 -9.87 9.58 -12.99
CA ILE A 394 -9.76 8.20 -13.45
C ILE A 394 -9.42 8.16 -14.93
N ALA A 395 -9.98 9.09 -15.71
CA ALA A 395 -9.68 9.13 -17.14
C ALA A 395 -8.19 9.40 -17.38
N ALA A 396 -7.65 10.44 -16.74
CA ALA A 396 -6.23 10.76 -16.89
C ALA A 396 -5.35 9.61 -16.40
N GLY A 397 -5.82 8.84 -15.43
CA GLY A 397 -5.06 7.69 -14.98
C GLY A 397 -4.94 6.63 -16.06
N SER A 398 -6.02 6.39 -16.80
CA SER A 398 -6.00 5.38 -17.85
C SER A 398 -5.02 5.76 -18.95
N ARG A 399 -4.94 7.05 -19.29
CA ARG A 399 -4.10 7.49 -20.40
C ARG A 399 -2.63 7.22 -20.11
N GLN A 400 -2.20 7.43 -18.87
CA GLN A 400 -0.82 7.15 -18.49
C GLN A 400 -0.54 5.66 -18.30
N ASN A 401 -1.58 4.83 -18.24
CA ASN A 401 -1.44 3.39 -18.07
C ASN A 401 -1.72 2.63 -19.35
N ALA A 402 -1.40 3.22 -20.50
CA ALA A 402 -1.68 2.56 -21.77
C ALA A 402 -0.78 1.36 -21.99
N HIS A 403 0.46 1.42 -21.51
CA HIS A 403 1.38 0.29 -21.63
C HIS A 403 0.91 -0.95 -20.87
N PHE A 404 -0.08 -0.80 -20.00
CA PHE A 404 -0.57 -1.91 -19.21
C PHE A 404 -1.46 -2.83 -20.04
N SER A 405 -1.58 -4.07 -19.58
CA SER A 405 -2.45 -5.04 -20.22
C SER A 405 -3.91 -4.62 -20.09
N THR A 406 -4.73 -5.09 -21.03
CA THR A 406 -6.18 -4.90 -20.97
C THR A 406 -6.89 -6.13 -20.41
N MET A 407 -6.14 -7.14 -19.98
CA MET A 407 -6.73 -8.33 -19.39
C MET A 407 -7.43 -7.99 -18.09
N GLU A 408 -8.66 -8.49 -17.92
CA GLU A 408 -9.38 -8.29 -16.67
C GLU A 408 -8.67 -9.04 -15.55
N TRP A 409 -8.72 -8.46 -14.35
CA TRP A 409 -8.02 -9.01 -13.20
C TRP A 409 -8.35 -10.49 -13.01
N PRO A 410 -7.36 -11.39 -13.09
CA PRO A 410 -7.67 -12.82 -13.11
C PRO A 410 -7.92 -13.44 -11.74
N ILE A 411 -7.37 -12.88 -10.67
CA ILE A 411 -7.60 -13.42 -9.33
C ILE A 411 -8.95 -12.89 -8.85
N ASP A 412 -10.03 -13.44 -9.39
CA ASP A 412 -11.37 -12.88 -9.21
C ASP A 412 -12.32 -13.85 -8.50
N GLY A 413 -11.77 -14.73 -7.68
CA GLY A 413 -12.61 -15.69 -6.97
C GLY A 413 -13.46 -15.04 -5.90
N GLY A 414 -14.44 -15.80 -5.43
CA GLY A 414 -15.32 -15.33 -4.38
C GLY A 414 -16.35 -14.33 -4.88
N THR A 415 -17.20 -13.89 -3.96
CA THR A 415 -18.28 -12.95 -4.25
C THR A 415 -18.32 -11.90 -3.16
N SER A 416 -18.18 -10.64 -3.55
CA SER A 416 -18.24 -9.53 -2.60
C SER A 416 -19.69 -9.22 -2.27
N LEU A 417 -20.04 -9.28 -0.99
CA LEU A 417 -21.41 -9.03 -0.54
C LEU A 417 -21.64 -7.58 -0.14
N THR A 418 -20.67 -6.69 -0.37
CA THR A 418 -20.95 -5.32 0.04
C THR A 418 -21.34 -4.47 -1.15
N PRO A 419 -22.36 -3.62 -0.99
CA PRO A 419 -22.75 -2.75 -2.10
C PRO A 419 -21.66 -1.75 -2.42
N ALA A 420 -21.68 -1.25 -3.66
CA ALA A 420 -20.72 -0.24 -4.07
C ALA A 420 -20.81 0.96 -3.14
N PRO A 421 -19.68 1.56 -2.77
CA PRO A 421 -19.71 2.69 -1.84
C PRO A 421 -20.56 3.83 -2.37
N PRO A 422 -21.48 4.37 -1.56
CA PRO A 422 -22.30 5.49 -2.03
C PRO A 422 -21.52 6.77 -2.18
N GLN A 423 -20.39 6.91 -1.49
CA GLN A 423 -19.60 8.13 -1.47
C GLN A 423 -18.21 7.86 -1.99
N ARG A 424 -17.68 8.80 -2.78
CA ARG A 424 -16.36 8.69 -3.38
C ARG A 424 -15.35 9.45 -2.52
N ASP A 425 -14.40 8.71 -1.94
CA ASP A 425 -13.36 9.29 -1.10
C ASP A 425 -12.01 9.15 -1.77
N LEU A 426 -11.19 10.19 -1.67
CA LEU A 426 -9.84 10.19 -2.21
C LEU A 426 -8.82 10.23 -1.08
N LEU A 427 -7.76 9.44 -1.21
CA LEU A 427 -6.58 9.54 -0.37
C LEU A 427 -5.40 9.86 -1.27
N LEU A 428 -4.80 11.03 -1.09
CA LEU A 428 -3.61 11.43 -1.82
C LEU A 428 -2.39 11.21 -0.96
N THR A 429 -1.34 10.63 -1.54
CA THR A 429 -0.09 10.39 -0.84
C THR A 429 1.03 11.14 -1.55
N GLY A 430 1.84 11.86 -0.77
CA GLY A 430 3.05 12.47 -1.28
C GLY A 430 4.25 11.57 -1.00
N HIS A 431 5.22 11.61 -1.88
CA HIS A 431 6.31 10.64 -1.84
C HIS A 431 7.66 11.34 -1.96
N GLU A 432 8.69 10.60 -1.56
CA GLU A 432 10.05 11.15 -1.47
C GLU A 432 10.58 11.59 -2.82
N ASP A 433 10.14 10.95 -3.91
CA ASP A 433 10.64 11.28 -5.25
C ASP A 433 9.81 12.35 -5.94
N GLY A 434 8.87 12.97 -5.24
CA GLY A 434 8.10 14.05 -5.81
C GLY A 434 6.80 13.64 -6.48
N THR A 435 6.36 12.40 -6.32
CA THR A 435 5.12 11.94 -6.92
C THR A 435 3.96 12.06 -5.93
N VAL A 436 2.76 12.20 -6.48
CA VAL A 436 1.52 12.26 -5.72
C VAL A 436 0.56 11.26 -6.34
N ARG A 437 0.10 10.30 -5.55
CA ARG A 437 -0.77 9.25 -6.03
C ARG A 437 -2.19 9.45 -5.51
N PHE A 438 -3.16 9.23 -6.39
CA PHE A 438 -4.58 9.44 -6.12
C PHE A 438 -5.24 8.08 -5.91
N TRP A 439 -5.51 7.74 -4.66
CA TRP A 439 -6.05 6.45 -4.30
C TRP A 439 -7.56 6.54 -4.08
N ASP A 440 -8.29 5.54 -4.58
CA ASP A 440 -9.71 5.39 -4.31
C ASP A 440 -9.86 4.83 -2.90
N ALA A 441 -10.08 5.72 -1.92
CA ALA A 441 -10.23 5.31 -0.54
C ALA A 441 -11.68 5.11 -0.14
N SER A 442 -12.56 4.83 -1.11
CA SER A 442 -13.98 4.76 -0.81
C SER A 442 -14.32 3.54 0.05
N GLY A 443 -13.80 2.38 -0.33
CA GLY A 443 -14.21 1.14 0.30
C GLY A 443 -13.05 0.27 0.74
N VAL A 444 -13.23 -1.05 0.58
CA VAL A 444 -12.32 -2.03 1.15
C VAL A 444 -10.99 -2.08 0.40
N CYS A 445 -10.99 -1.78 -0.90
CA CYS A 445 -9.80 -1.89 -1.73
C CYS A 445 -9.26 -0.50 -2.06
N LEU A 446 -7.99 -0.25 -1.72
CA LEU A 446 -7.31 1.00 -2.03
C LEU A 446 -6.67 0.86 -3.39
N ARG A 447 -7.22 1.54 -4.39
CA ARG A 447 -6.84 1.37 -5.79
C ARG A 447 -6.20 2.65 -6.32
N LEU A 448 -5.11 2.49 -7.08
CA LEU A 448 -4.42 3.63 -7.67
C LEU A 448 -5.22 4.12 -8.88
N LEU A 449 -5.66 5.37 -8.83
CA LEU A 449 -6.43 5.98 -9.90
C LEU A 449 -5.60 6.83 -10.85
N TYR A 450 -4.58 7.51 -10.33
CA TYR A 450 -3.80 8.46 -11.12
C TYR A 450 -2.55 8.84 -10.33
N LYS A 451 -1.47 9.11 -11.07
CA LYS A 451 -0.20 9.49 -10.46
C LYS A 451 0.30 10.78 -11.09
N LEU A 452 0.71 11.73 -10.25
CA LEU A 452 1.29 12.99 -10.68
C LEU A 452 2.80 12.96 -10.43
N SER A 453 3.57 13.48 -11.38
CA SER A 453 5.02 13.55 -11.27
C SER A 453 5.43 15.03 -11.34
N THR A 454 5.97 15.54 -10.25
CA THR A 454 6.41 16.93 -10.19
C THR A 454 7.86 17.10 -10.64
N VAL A 455 8.62 16.02 -10.78
CA VAL A 455 10.01 16.13 -11.20
C VAL A 455 10.12 16.70 -12.62
N ARG A 456 9.04 16.64 -13.38
CA ARG A 456 9.06 17.14 -14.77
C ARG A 456 9.50 18.59 -14.83
N VAL A 457 8.99 19.42 -13.92
CA VAL A 457 9.22 20.86 -13.99
C VAL A 457 10.65 21.25 -13.63
N PHE A 458 11.47 20.32 -13.17
CA PHE A 458 12.86 20.59 -12.82
C PHE A 458 13.79 19.87 -13.79
N LEU A 459 15.08 20.13 -13.64
CA LEU A 459 16.12 19.59 -14.52
C LEU A 459 16.87 18.49 -13.79
N THR A 460 16.74 17.25 -14.28
CA THR A 460 17.44 16.07 -13.77
C THR A 460 17.64 16.05 -12.25
N GLU A 475 22.19 -7.33 -23.37
CA GLU A 475 20.86 -7.84 -23.68
C GLU A 475 20.81 -9.37 -23.59
N TRP A 476 21.84 -9.95 -22.98
CA TRP A 476 21.83 -11.37 -22.61
C TRP A 476 22.56 -11.55 -21.28
N PRO A 477 21.90 -12.05 -20.23
CA PRO A 477 20.48 -12.45 -20.15
C PRO A 477 19.49 -11.32 -20.48
N PRO A 478 18.38 -11.66 -21.13
CA PRO A 478 17.46 -10.62 -21.60
C PRO A 478 16.69 -9.97 -20.46
N LEU A 479 17.36 -9.13 -19.68
CA LEU A 479 16.77 -8.54 -18.50
C LEU A 479 15.71 -7.51 -18.87
N ARG A 480 14.54 -7.60 -18.24
CA ARG A 480 13.50 -6.61 -18.35
C ARG A 480 13.05 -6.24 -16.94
N LYS A 481 13.28 -5.00 -16.54
CA LYS A 481 12.92 -4.55 -15.20
C LYS A 481 11.42 -4.36 -15.11
N VAL A 482 10.78 -5.06 -14.17
CA VAL A 482 9.36 -4.93 -13.91
C VAL A 482 9.16 -4.62 -12.43
N GLY A 483 7.92 -4.33 -12.08
CA GLY A 483 7.61 -3.82 -10.76
C GLY A 483 7.74 -2.32 -10.71
N SER A 484 7.45 -1.76 -9.53
CA SER A 484 7.52 -0.33 -9.32
C SER A 484 8.34 0.08 -8.11
N PHE A 485 8.71 -0.85 -7.24
CA PHE A 485 9.44 -0.49 -6.03
C PHE A 485 10.85 -0.02 -6.38
N ASP A 486 11.21 1.17 -5.89
CA ASP A 486 12.55 1.71 -6.05
C ASP A 486 13.24 1.74 -4.70
N PRO A 487 14.32 0.97 -4.50
CA PRO A 487 15.01 1.00 -3.21
C PRO A 487 15.99 2.16 -3.06
N TYR A 488 16.25 2.91 -4.12
CA TYR A 488 17.23 3.98 -4.10
C TYR A 488 16.57 5.33 -3.84
N SER A 489 17.22 6.16 -3.04
CA SER A 489 16.77 7.51 -2.75
C SER A 489 17.59 8.48 -3.61
N ASP A 490 16.97 9.00 -4.66
CA ASP A 490 17.71 9.84 -5.61
C ASP A 490 17.89 11.27 -5.06
N ASP A 491 16.84 12.07 -5.07
CA ASP A 491 16.91 13.46 -4.64
C ASP A 491 15.87 13.72 -3.57
N PRO A 492 16.27 13.94 -2.31
CA PRO A 492 15.29 14.19 -1.25
C PRO A 492 14.61 15.55 -1.34
N ARG A 493 15.12 16.47 -2.18
CA ARG A 493 14.49 17.79 -2.29
C ARG A 493 13.11 17.71 -2.93
N LEU A 494 12.86 16.69 -3.75
CA LEU A 494 11.60 16.53 -4.44
C LEU A 494 10.47 16.08 -3.53
N GLY A 495 10.77 15.58 -2.33
CA GLY A 495 9.78 15.03 -1.44
C GLY A 495 8.59 15.94 -1.20
N ILE A 496 7.39 15.41 -1.37
CA ILE A 496 6.17 16.18 -1.16
C ILE A 496 5.90 16.31 0.33
N GLN A 497 5.79 17.53 0.82
CA GLN A 497 5.54 17.80 2.23
C GLN A 497 4.08 18.13 2.52
N LYS A 498 3.41 18.86 1.65
CA LYS A 498 2.02 19.28 1.86
C LYS A 498 1.24 19.11 0.57
N ILE A 499 -0.06 18.87 0.70
CA ILE A 499 -0.96 18.66 -0.43
C ILE A 499 -2.30 19.29 -0.09
N PHE A 500 -2.82 20.10 -1.01
CA PHE A 500 -4.17 20.62 -0.90
C PHE A 500 -4.86 20.48 -2.25
N LEU A 501 -5.92 19.70 -2.31
CA LEU A 501 -6.74 19.54 -3.49
C LEU A 501 -8.10 20.19 -3.25
N CYS A 502 -8.48 21.10 -4.14
CA CYS A 502 -9.84 21.63 -4.15
C CYS A 502 -10.68 20.73 -5.03
N LYS A 503 -11.57 19.95 -4.42
CA LYS A 503 -12.42 19.04 -5.17
C LYS A 503 -13.43 19.76 -6.05
N TYR A 504 -13.63 21.06 -5.84
CA TYR A 504 -14.59 21.82 -6.64
C TYR A 504 -13.95 22.38 -7.91
N SER A 505 -12.85 23.11 -7.77
CA SER A 505 -12.23 23.78 -8.90
C SER A 505 -11.25 22.90 -9.67
N GLY A 506 -10.87 21.75 -9.11
CA GLY A 506 -9.83 20.98 -9.74
C GLY A 506 -8.45 21.59 -9.64
N TYR A 507 -8.29 22.62 -8.81
CA TYR A 507 -6.97 23.17 -8.53
C TYR A 507 -6.27 22.31 -7.50
N LEU A 508 -4.95 22.23 -7.62
CA LEU A 508 -4.14 21.44 -6.70
C LEU A 508 -2.88 22.21 -6.35
N ALA A 509 -2.56 22.25 -5.06
CA ALA A 509 -1.31 22.81 -4.57
C ALA A 509 -0.51 21.71 -3.91
N VAL A 510 0.77 21.60 -4.29
CA VAL A 510 1.69 20.67 -3.66
C VAL A 510 2.93 21.44 -3.23
N ALA A 511 3.48 21.09 -2.08
CA ALA A 511 4.63 21.78 -1.51
C ALA A 511 5.72 20.77 -1.21
N GLY A 512 6.98 21.17 -1.45
CA GLY A 512 8.07 20.24 -1.39
C GLY A 512 9.09 20.47 -0.30
N THR A 513 10.16 19.68 -0.33
CA THR A 513 11.19 19.70 0.71
C THR A 513 12.19 20.83 0.51
N ALA A 514 12.32 21.36 -0.71
CA ALA A 514 13.26 22.44 -0.97
C ALA A 514 12.55 23.74 -1.32
N GLY A 515 11.52 24.09 -0.55
CA GLY A 515 10.86 25.36 -0.71
C GLY A 515 10.05 25.55 -1.97
N GLN A 516 9.81 24.48 -2.74
CA GLN A 516 9.05 24.59 -3.97
C GLN A 516 7.56 24.45 -3.69
N VAL A 517 6.78 25.37 -4.26
CA VAL A 517 5.32 25.34 -4.16
C VAL A 517 4.77 25.38 -5.57
N LEU A 518 4.00 24.36 -5.93
CA LEU A 518 3.43 24.24 -7.26
C LEU A 518 1.91 24.30 -7.15
N VAL A 519 1.29 25.12 -7.99
CA VAL A 519 -0.15 25.12 -8.17
C VAL A 519 -0.45 24.51 -9.54
N LEU A 520 -1.42 23.60 -9.58
CA LEU A 520 -1.69 22.82 -10.77
C LEU A 520 -3.20 22.80 -11.01
N GLU A 521 -3.59 22.39 -12.22
CA GLU A 521 -5.00 22.36 -12.59
C GLU A 521 -5.28 21.10 -13.39
N LEU A 522 -6.48 20.55 -13.20
CA LEU A 522 -6.88 19.34 -13.91
C LEU A 522 -7.21 19.68 -15.36
N ASN A 523 -6.70 18.85 -16.27
CA ASN A 523 -6.86 19.08 -17.70
C ASN A 523 -7.13 17.75 -18.38
N ASP A 524 -8.19 17.71 -19.20
CA ASP A 524 -8.55 16.47 -19.88
C ASP A 524 -7.57 16.14 -21.00
N GLU A 525 -7.00 17.16 -21.63
CA GLU A 525 -6.11 16.99 -22.78
C GLU A 525 -4.68 17.37 -22.39
N ALA A 526 -3.75 16.96 -23.25
CA ALA A 526 -2.34 17.27 -23.04
C ALA A 526 -2.11 18.77 -23.24
N ALA A 527 -0.92 19.22 -22.86
CA ALA A 527 -0.62 20.64 -22.89
C ALA A 527 0.87 20.87 -22.99
N GLU A 528 1.24 21.98 -23.62
CA GLU A 528 2.62 22.42 -23.73
C GLU A 528 2.67 23.88 -23.28
N GLN A 529 3.30 24.11 -22.13
CA GLN A 529 3.27 25.43 -21.51
C GLN A 529 4.51 25.59 -20.64
N ALA A 530 4.90 26.84 -20.43
CA ALA A 530 5.98 27.18 -19.53
C ALA A 530 5.42 27.39 -18.12
N VAL A 531 6.14 26.89 -17.13
CA VAL A 531 5.78 27.10 -15.74
C VAL A 531 6.40 28.41 -15.27
N GLU A 532 5.55 29.38 -14.95
CA GLU A 532 6.02 30.69 -14.54
C GLU A 532 6.66 30.60 -13.15
N GLN A 533 7.90 31.04 -13.04
CA GLN A 533 8.65 30.95 -11.79
C GLN A 533 8.61 32.28 -11.06
N VAL A 534 8.23 32.22 -9.79
CA VAL A 534 8.15 33.40 -8.93
C VAL A 534 8.90 33.10 -7.64
N GLU A 535 9.81 33.99 -7.25
CA GLU A 535 10.58 33.81 -6.03
C GLU A 535 9.87 34.50 -4.88
N ALA A 536 9.87 33.85 -3.71
CA ALA A 536 9.28 34.40 -2.50
C ALA A 536 10.36 34.47 -1.45
N ASP A 537 11.11 35.58 -1.44
CA ASP A 537 12.16 35.80 -0.46
C ASP A 537 11.54 36.14 0.88
N LEU A 538 11.71 35.27 1.87
CA LEU A 538 11.15 35.45 3.19
C LEU A 538 12.12 36.15 4.15
N LEU A 539 13.32 36.48 3.70
CA LEU A 539 14.30 37.22 4.50
C LEU A 539 14.66 38.53 3.83
N GLN A 540 13.67 39.17 3.21
CA GLN A 540 13.92 40.43 2.50
C GLN A 540 14.31 41.54 3.47
N ASP A 541 13.73 41.54 4.67
CA ASP A 541 14.02 42.55 5.69
C ASP A 541 14.95 41.98 6.76
N GLN A 542 16.00 41.30 6.34
CA GLN A 542 16.96 40.70 7.26
C GLN A 542 18.30 40.49 6.58
N GLU A 543 19.11 41.55 6.53
CA GLU A 543 20.44 41.45 5.94
C GLU A 543 21.40 40.76 6.90
N GLY A 544 22.42 40.11 6.32
CA GLY A 544 23.37 39.35 7.08
C GLY A 544 23.05 37.87 7.20
N TYR A 545 21.82 37.47 6.87
CA TYR A 545 21.42 36.08 6.98
C TYR A 545 22.06 35.25 5.87
N ARG A 546 22.08 33.93 6.09
CA ARG A 546 22.62 32.99 5.12
C ARG A 546 21.86 31.67 5.26
N TRP A 547 22.04 30.81 4.26
CA TRP A 547 21.31 29.56 4.16
C TRP A 547 22.28 28.39 4.08
N LYS A 548 22.26 27.53 5.09
CA LYS A 548 23.10 26.34 5.11
C LYS A 548 22.30 25.15 4.59
N GLY A 549 22.73 24.59 3.46
CA GLY A 549 22.15 23.35 2.99
C GLY A 549 21.51 23.39 1.62
N HIS A 550 20.29 22.84 1.54
CA HIS A 550 19.59 22.57 0.29
C HIS A 550 19.57 23.75 -0.67
N GLU A 551 20.34 23.66 -1.75
CA GLU A 551 20.21 24.60 -2.85
C GLU A 551 18.90 24.37 -3.57
N ARG A 552 18.34 25.45 -4.13
CA ARG A 552 17.04 25.37 -4.76
C ARG A 552 17.06 24.43 -5.96
N LEU A 553 15.92 23.81 -6.22
CA LEU A 553 15.77 22.97 -7.40
C LEU A 553 15.80 23.83 -8.66
N ALA A 554 16.65 23.45 -9.61
CA ALA A 554 16.70 24.15 -10.89
C ALA A 554 15.41 23.90 -11.66
N ALA A 555 14.71 24.96 -12.01
CA ALA A 555 13.45 24.85 -12.74
C ALA A 555 13.71 24.77 -14.24
N ARG A 556 12.81 24.09 -14.95
CA ARG A 556 12.90 24.00 -16.39
C ARG A 556 12.59 25.36 -17.01
N SER A 557 13.56 25.92 -17.72
CA SER A 557 13.31 27.12 -18.50
C SER A 557 12.59 26.75 -19.79
N GLY A 558 11.75 27.66 -20.27
CA GLY A 558 10.99 27.44 -21.47
C GLY A 558 9.80 26.52 -21.24
N PRO A 559 9.08 26.21 -22.32
CA PRO A 559 7.88 25.39 -22.19
C PRO A 559 8.20 23.91 -21.99
N VAL A 560 7.24 23.21 -21.39
CA VAL A 560 7.34 21.78 -21.13
C VAL A 560 6.00 21.15 -21.52
N ARG A 561 6.07 19.93 -22.04
CA ARG A 561 4.90 19.19 -22.47
C ARG A 561 4.40 18.28 -21.34
N PHE A 562 3.12 18.41 -21.01
CA PHE A 562 2.50 17.63 -19.94
C PHE A 562 1.41 16.74 -20.50
N GLU A 563 1.37 15.49 -20.04
CA GLU A 563 0.30 14.57 -20.36
C GLU A 563 -0.98 15.02 -19.66
N PRO A 564 -2.13 14.45 -20.02
CA PRO A 564 -3.36 14.80 -19.30
C PRO A 564 -3.26 14.47 -17.82
N GLY A 565 -3.88 15.33 -17.01
CA GLY A 565 -3.81 15.21 -15.56
C GLY A 565 -3.67 16.56 -14.90
N PHE A 566 -3.00 16.61 -13.75
CA PHE A 566 -2.78 17.87 -13.05
C PHE A 566 -1.52 18.52 -13.58
N GLN A 567 -1.69 19.66 -14.24
CA GLN A 567 -0.60 20.34 -14.93
C GLN A 567 -0.23 21.62 -14.21
N PRO A 568 1.05 21.80 -13.88
CA PRO A 568 1.46 23.01 -13.16
C PRO A 568 1.58 24.21 -14.08
N PHE A 569 1.11 25.36 -13.60
CA PHE A 569 1.24 26.60 -14.35
C PHE A 569 2.07 27.65 -13.63
N VAL A 570 2.37 27.49 -12.35
CA VAL A 570 3.19 28.44 -11.62
C VAL A 570 4.00 27.70 -10.57
N LEU A 571 5.26 28.08 -10.43
CA LEU A 571 6.15 27.57 -9.40
C LEU A 571 6.56 28.72 -8.49
N VAL A 572 6.23 28.61 -7.21
CA VAL A 572 6.65 29.58 -6.20
C VAL A 572 7.83 28.98 -5.46
N GLN A 573 8.99 29.63 -5.55
CA GLN A 573 10.22 29.12 -4.96
C GLN A 573 10.59 29.96 -3.74
N CYS A 574 10.39 29.38 -2.56
CA CYS A 574 10.75 30.07 -1.32
C CYS A 574 12.25 30.32 -1.27
N GLN A 575 12.62 31.48 -0.75
CA GLN A 575 14.01 31.82 -0.50
C GLN A 575 14.13 32.23 0.97
N PRO A 576 14.84 31.46 1.82
CA PRO A 576 15.60 30.24 1.49
C PRO A 576 14.71 29.04 1.13
N PRO A 577 15.21 28.14 0.29
CA PRO A 577 14.44 26.94 -0.10
C PRO A 577 14.40 25.89 1.00
N ALA A 578 13.71 26.22 2.09
CA ALA A 578 13.60 25.32 3.22
C ALA A 578 12.37 24.42 3.07
N VAL A 579 12.23 23.49 4.00
CA VAL A 579 11.07 22.60 4.00
C VAL A 579 9.81 23.43 4.21
N VAL A 580 8.84 23.27 3.30
CA VAL A 580 7.55 23.92 3.46
C VAL A 580 6.77 23.20 4.55
N THR A 581 6.46 23.93 5.62
CA THR A 581 5.92 23.33 6.83
C THR A 581 4.40 23.53 6.97
N SER A 582 3.79 24.30 6.09
CA SER A 582 2.34 24.46 6.09
C SER A 582 1.93 24.97 4.71
N LEU A 583 0.66 24.72 4.38
CA LEU A 583 0.14 25.08 3.06
C LEU A 583 -1.36 25.22 3.15
N ALA A 584 -1.90 26.23 2.46
CA ALA A 584 -3.33 26.44 2.36
C ALA A 584 -3.63 27.02 0.99
N LEU A 585 -4.75 26.60 0.42
CA LEU A 585 -5.18 27.07 -0.91
C LEU A 585 -6.62 27.50 -0.85
N HIS A 586 -6.90 28.71 -1.33
CA HIS A 586 -8.26 29.20 -1.49
C HIS A 586 -8.55 29.26 -2.98
N SER A 587 -9.40 28.35 -3.45
CA SER A 587 -9.65 28.25 -4.88
C SER A 587 -10.57 29.35 -5.39
N GLU A 588 -11.44 29.89 -4.54
CA GLU A 588 -12.30 30.98 -4.97
C GLU A 588 -11.53 32.29 -5.11
N TRP A 589 -10.85 32.71 -4.05
CA TRP A 589 -10.01 33.90 -4.11
C TRP A 589 -8.74 33.67 -4.94
N ARG A 590 -8.47 32.43 -5.33
CA ARG A 590 -7.29 32.07 -6.12
C ARG A 590 -6.01 32.57 -5.48
N LEU A 591 -5.83 32.17 -4.22
CA LEU A 591 -4.64 32.48 -3.44
C LEU A 591 -4.07 31.20 -2.86
N VAL A 592 -2.75 31.19 -2.65
CA VAL A 592 -2.08 30.08 -2.00
C VAL A 592 -1.17 30.65 -0.92
N ALA A 593 -1.23 30.06 0.27
CA ALA A 593 -0.37 30.44 1.38
C ALA A 593 0.56 29.27 1.70
N PHE A 594 1.74 29.61 2.20
CA PHE A 594 2.78 28.61 2.45
C PHE A 594 3.68 29.12 3.57
N GLY A 595 4.15 28.20 4.40
CA GLY A 595 5.02 28.55 5.50
C GLY A 595 6.26 27.68 5.51
N THR A 596 7.31 28.23 6.12
CA THR A 596 8.58 27.53 6.30
C THR A 596 9.02 27.73 7.74
N SER A 597 10.25 27.31 8.04
CA SER A 597 10.81 27.56 9.36
C SER A 597 11.16 29.04 9.56
N HIS A 598 11.26 29.81 8.48
CA HIS A 598 11.64 31.22 8.54
C HIS A 598 10.44 32.16 8.59
N GLY A 599 9.49 31.99 7.69
CA GLY A 599 8.31 32.81 7.69
C GLY A 599 7.24 32.20 6.82
N PHE A 600 6.27 33.03 6.43
CA PHE A 600 5.20 32.59 5.53
C PHE A 600 4.90 33.69 4.54
N GLY A 601 4.10 33.35 3.54
CA GLY A 601 3.76 34.30 2.50
C GLY A 601 2.46 33.94 1.82
N LEU A 602 1.88 34.93 1.17
CA LEU A 602 0.65 34.77 0.40
C LEU A 602 0.92 35.08 -1.06
N PHE A 603 0.38 34.24 -1.95
CA PHE A 603 0.68 34.30 -3.36
C PHE A 603 -0.61 34.26 -4.15
N ASP A 604 -0.75 35.17 -5.11
CA ASP A 604 -1.91 35.23 -6.00
C ASP A 604 -1.60 34.38 -7.22
N HIS A 605 -2.18 33.18 -7.28
CA HIS A 605 -1.89 32.27 -8.39
C HIS A 605 -2.74 32.55 -9.62
N GLN A 606 -3.61 33.56 -9.59
CA GLN A 606 -4.24 34.02 -10.82
C GLN A 606 -3.32 34.99 -11.56
N GLN A 607 -2.87 36.04 -10.88
CA GLN A 607 -1.89 36.97 -11.45
C GLN A 607 -0.47 36.42 -11.41
N ARG A 608 -0.23 35.30 -10.74
CA ARG A 608 1.10 34.74 -10.56
C ARG A 608 2.05 35.77 -9.96
N ARG A 609 1.57 36.49 -8.95
CA ARG A 609 2.36 37.50 -8.26
C ARG A 609 2.25 37.32 -6.76
N GLN A 610 3.34 37.65 -6.06
CA GLN A 610 3.38 37.53 -4.61
C GLN A 610 2.61 38.68 -3.98
N VAL A 611 1.62 38.36 -3.13
CA VAL A 611 0.87 39.41 -2.46
C VAL A 611 1.68 40.00 -1.31
N PHE A 612 2.11 39.15 -0.37
CA PHE A 612 2.96 39.62 0.71
C PHE A 612 3.84 38.47 1.21
N VAL A 613 4.83 38.85 2.02
CA VAL A 613 5.78 37.93 2.62
C VAL A 613 6.08 38.42 4.02
N LYS A 614 5.99 37.51 5.01
CA LYS A 614 6.17 37.87 6.41
C LYS A 614 7.21 36.95 7.05
N CYS A 615 8.28 37.53 7.56
CA CYS A 615 9.25 36.78 8.33
C CYS A 615 8.76 36.63 9.77
N THR A 616 9.14 35.52 10.41
CA THR A 616 8.64 35.19 11.74
C THR A 616 9.75 34.87 12.74
N LEU A 617 11.01 35.10 12.38
CA LEU A 617 12.12 34.74 13.27
C LEU A 617 12.30 35.72 14.42
N HIS A 618 11.73 36.92 14.33
CA HIS A 618 11.75 37.84 15.46
C HIS A 618 10.52 37.61 16.34
N PRO A 619 10.68 37.48 17.67
CA PRO A 619 9.67 37.18 18.68
C PRO A 619 8.28 37.78 18.38
N PHE A 698 12.31 25.75 16.37
CA PHE A 698 12.43 27.20 16.28
C PHE A 698 11.29 27.87 17.05
N THR A 699 10.82 29.00 16.55
CA THR A 699 9.77 29.75 17.23
C THR A 699 8.85 30.37 16.20
N GLY A 700 9.43 30.91 15.14
CA GLY A 700 8.70 31.43 14.01
C GLY A 700 8.17 30.38 13.06
N PHE A 701 8.68 29.15 13.18
CA PHE A 701 8.20 27.97 12.46
C PHE A 701 6.69 27.98 12.31
N VAL A 702 6.19 28.16 11.08
CA VAL A 702 4.76 28.32 10.82
C VAL A 702 4.14 26.93 10.66
N ARG A 703 3.39 26.50 11.67
CA ARG A 703 2.76 25.18 11.63
C ARG A 703 1.46 25.19 10.84
N THR A 704 0.66 26.24 10.95
CA THR A 704 -0.72 26.23 10.52
C THR A 704 -1.05 27.46 9.68
N LEU A 705 -1.86 27.26 8.64
CA LEU A 705 -2.37 28.32 7.79
C LEU A 705 -3.84 28.06 7.53
N TYR A 706 -4.63 29.14 7.46
CA TYR A 706 -6.08 28.99 7.42
C TYR A 706 -6.72 30.24 6.82
N PHE A 707 -7.43 30.07 5.71
CA PHE A 707 -8.21 31.16 5.11
C PHE A 707 -9.57 31.23 5.77
N ALA A 708 -10.08 32.45 5.95
CA ALA A 708 -11.38 32.64 6.57
C ALA A 708 -11.97 33.97 6.13
N ASP A 709 -13.27 33.94 5.83
CA ASP A 709 -14.05 35.16 5.55
C ASP A 709 -14.83 35.48 6.82
N THR A 710 -14.25 36.29 7.69
CA THR A 710 -14.81 36.51 9.01
C THR A 710 -14.56 37.95 9.44
N TYR A 711 -14.96 38.26 10.68
CA TYR A 711 -14.90 39.61 11.21
C TYR A 711 -13.57 39.83 11.94
N LEU A 712 -12.75 40.76 11.43
CA LEU A 712 -11.45 41.05 12.03
C LEU A 712 -11.36 42.39 12.72
N LYS A 713 -12.12 43.39 12.28
CA LYS A 713 -12.06 44.72 12.87
C LYS A 713 -13.41 45.22 13.34
N ASP A 714 -14.42 45.21 12.50
CA ASP A 714 -15.75 45.68 12.86
C ASP A 714 -16.74 44.53 12.84
N SER A 715 -17.74 44.61 13.73
CA SER A 715 -18.73 43.54 13.88
C SER A 715 -19.73 43.50 12.73
N SER A 716 -19.68 44.44 11.79
CA SER A 716 -20.66 44.52 10.72
C SER A 716 -20.15 44.00 9.39
N ARG A 717 -18.90 44.33 9.01
CA ARG A 717 -18.34 43.92 7.74
C ARG A 717 -17.35 42.77 7.96
N HIS A 718 -17.46 41.75 7.13
CA HIS A 718 -16.59 40.58 7.19
C HIS A 718 -15.77 40.51 5.91
N CYS A 719 -14.45 40.51 6.05
CA CYS A 719 -13.54 40.53 4.92
C CYS A 719 -12.76 39.23 4.83
N PRO A 720 -12.23 38.90 3.64
CA PRO A 720 -11.32 37.75 3.53
C PRO A 720 -10.12 37.93 4.46
N SER A 721 -9.58 36.80 4.91
CA SER A 721 -8.48 36.84 5.87
C SER A 721 -7.66 35.57 5.78
N LEU A 722 -6.39 35.69 6.14
CA LEU A 722 -5.49 34.57 6.29
C LEU A 722 -4.96 34.55 7.73
N TRP A 723 -4.91 33.36 8.31
CA TRP A 723 -4.43 33.17 9.67
C TRP A 723 -3.23 32.23 9.66
N ALA A 724 -2.23 32.56 10.49
CA ALA A 724 -1.04 31.76 10.62
C ALA A 724 -0.75 31.50 12.09
N GLY A 725 -0.35 30.27 12.41
CA GLY A 725 0.09 29.93 13.75
C GLY A 725 1.52 29.45 13.72
N THR A 726 2.27 29.76 14.78
CA THR A 726 3.70 29.47 14.82
C THR A 726 4.02 28.53 15.98
N ASN A 727 5.27 28.09 16.00
CA ASN A 727 5.75 27.19 17.04
C ASN A 727 5.78 27.86 18.41
N GLY A 728 5.86 29.18 18.47
CA GLY A 728 5.92 29.91 19.72
C GLY A 728 4.58 30.37 20.26
N GLY A 729 3.46 29.86 19.73
CA GLY A 729 2.16 30.23 20.20
C GLY A 729 1.61 31.53 19.65
N THR A 730 2.19 32.04 18.57
CA THR A 730 1.76 33.31 17.99
C THR A 730 0.79 33.05 16.84
N ILE A 731 -0.27 33.85 16.79
CA ILE A 731 -1.26 33.79 15.71
C ILE A 731 -1.27 35.14 15.00
N TYR A 732 -0.91 35.13 13.72
CA TYR A 732 -1.01 36.32 12.88
C TYR A 732 -2.29 36.25 12.06
N ALA A 733 -2.97 37.38 11.93
CA ALA A 733 -4.16 37.48 11.09
C ALA A 733 -3.98 38.65 10.14
N PHE A 734 -4.26 38.41 8.86
CA PHE A 734 -4.11 39.42 7.81
C PHE A 734 -5.45 39.67 7.16
N SER A 735 -5.88 40.92 7.17
CA SER A 735 -7.05 41.31 6.38
C SER A 735 -6.68 41.27 4.90
N LEU A 736 -7.60 40.77 4.08
CA LEU A 736 -7.34 40.58 2.66
C LEU A 736 -8.37 41.35 1.84
N ARG A 737 -7.88 42.13 0.88
CA ARG A 737 -8.74 42.80 -0.10
C ARG A 737 -8.64 42.01 -1.41
N VAL A 738 -9.72 41.30 -1.74
CA VAL A 738 -9.77 40.46 -2.93
C VAL A 738 -10.67 41.13 -3.95
N PRO A 739 -10.14 41.57 -5.09
CA PRO A 739 -10.97 42.22 -6.11
C PRO A 739 -12.05 41.29 -6.61
N PRO A 740 -13.14 41.82 -7.18
CA PRO A 740 -14.20 40.97 -7.72
C PRO A 740 -13.76 40.24 -8.97
N ALA A 741 -14.69 39.49 -9.58
CA ALA A 741 -14.35 38.66 -10.72
C ALA A 741 -13.76 39.49 -11.86
N GLU A 742 -14.41 40.60 -12.20
CA GLU A 742 -13.98 41.39 -13.35
C GLU A 742 -12.59 41.98 -13.12
N ARG A 743 -12.33 42.53 -11.94
CA ARG A 743 -11.08 43.21 -11.64
C ARG A 743 -9.99 42.27 -11.15
N ARG A 744 -10.14 40.96 -11.39
CA ARG A 744 -9.24 39.98 -10.80
C ARG A 744 -7.80 40.14 -11.30
N MET A 745 -7.63 40.53 -12.56
CA MET A 745 -6.30 40.73 -13.14
C MET A 745 -5.90 42.20 -13.22
N ASP A 746 -6.82 43.13 -13.00
CA ASP A 746 -6.55 44.55 -13.16
C ASP A 746 -5.92 45.17 -11.91
N GLU A 747 -6.54 44.97 -10.75
CA GLU A 747 -6.02 45.53 -9.52
C GLU A 747 -5.44 44.43 -8.63
N PRO A 748 -4.36 44.71 -7.90
CA PRO A 748 -3.70 43.65 -7.14
C PRO A 748 -4.35 43.41 -5.78
N VAL A 749 -4.25 42.16 -5.33
CA VAL A 749 -4.73 41.79 -4.01
C VAL A 749 -3.87 42.46 -2.96
N ARG A 750 -4.51 42.98 -1.91
CA ARG A 750 -3.83 43.73 -0.87
C ARG A 750 -4.06 43.07 0.48
N ALA A 751 -3.02 43.06 1.31
CA ALA A 751 -3.08 42.46 2.63
C ALA A 751 -2.44 43.39 3.65
N GLU A 752 -2.97 43.36 4.87
CA GLU A 752 -2.39 44.10 5.98
C GLU A 752 -2.60 43.31 7.26
N GLN A 753 -1.55 43.23 8.07
CA GLN A 753 -1.63 42.52 9.34
C GLN A 753 -2.65 43.18 10.24
N ALA A 754 -3.73 42.44 10.55
CA ALA A 754 -4.82 42.96 11.37
C ALA A 754 -4.71 42.53 12.83
N LYS A 755 -4.16 41.36 13.11
CA LYS A 755 -4.09 40.85 14.47
C LYS A 755 -2.75 40.16 14.69
N GLU A 756 -2.29 40.22 15.94
CA GLU A 756 -1.18 39.38 16.40
C GLU A 756 -1.56 38.93 17.81
N ILE A 757 -2.03 37.69 17.93
CA ILE A 757 -2.45 37.12 19.21
C ILE A 757 -1.32 36.26 19.74
N GLN A 758 -1.03 36.41 21.04
CA GLN A 758 -0.02 35.62 21.71
C GLN A 758 -0.68 34.75 22.77
N LEU A 759 -0.46 33.44 22.69
CA LEU A 759 -0.88 32.52 23.74
C LEU A 759 0.16 32.58 24.86
N MET A 760 -0.28 32.90 26.07
CA MET A 760 0.65 33.07 27.17
C MET A 760 1.31 31.77 27.58
N HIS A 761 0.68 30.62 27.32
CA HIS A 761 1.31 29.34 27.62
C HIS A 761 2.34 28.93 26.58
N ARG A 762 2.32 29.56 25.40
CA ARG A 762 3.44 29.56 24.46
C ARG A 762 3.74 28.18 23.88
N ALA A 763 2.68 27.42 23.57
CA ALA A 763 2.83 26.13 22.92
C ALA A 763 2.59 26.27 21.43
N PRO A 764 3.18 25.39 20.62
CA PRO A 764 3.00 25.49 19.16
C PRO A 764 1.54 25.41 18.76
N VAL A 765 1.15 26.26 17.82
CA VAL A 765 -0.21 26.29 17.30
C VAL A 765 -0.33 25.22 16.21
N VAL A 766 -1.21 24.24 16.45
CA VAL A 766 -1.39 23.14 15.51
C VAL A 766 -2.66 23.27 14.70
N GLY A 767 -3.65 24.05 15.15
CA GLY A 767 -4.88 24.19 14.41
C GLY A 767 -5.57 25.52 14.64
N ILE A 768 -6.06 26.13 13.57
CA ILE A 768 -6.81 27.37 13.62
C ILE A 768 -8.13 27.17 12.89
N LEU A 769 -9.21 27.70 13.45
CA LEU A 769 -10.54 27.48 12.91
C LEU A 769 -11.47 28.60 13.35
N VAL A 770 -12.45 28.90 12.51
CA VAL A 770 -13.46 29.92 12.79
C VAL A 770 -14.84 29.27 12.71
N LEU A 771 -15.66 29.50 13.73
CA LEU A 771 -17.04 29.03 13.78
C LEU A 771 -17.99 30.20 13.52
N ASP A 772 -19.12 29.92 12.89
CA ASP A 772 -20.06 30.98 12.54
C ASP A 772 -20.97 31.30 13.74
N GLY A 773 -22.00 32.11 13.50
CA GLY A 773 -22.91 32.48 14.57
C GLY A 773 -23.59 31.29 15.24
N HIS A 774 -23.83 30.23 14.48
CA HIS A 774 -24.36 28.99 15.02
C HIS A 774 -23.27 28.02 15.49
N SER A 775 -22.05 28.52 15.67
CA SER A 775 -20.90 27.73 16.13
C SER A 775 -20.56 26.59 15.16
N VAL A 776 -20.92 26.72 13.90
CA VAL A 776 -20.58 25.75 12.87
C VAL A 776 -19.33 26.25 12.14
N PRO A 777 -18.31 25.41 11.94
CA PRO A 777 -17.10 25.88 11.26
C PRO A 777 -17.40 26.40 9.87
N LEU A 778 -16.65 27.43 9.46
CA LEU A 778 -16.83 28.00 8.13
C LEU A 778 -16.59 26.93 7.06
N PRO A 779 -17.31 26.99 5.95
CA PRO A 779 -17.18 25.97 4.92
C PRO A 779 -15.90 26.14 4.12
N GLU A 780 -15.58 25.09 3.35
CA GLU A 780 -14.42 25.09 2.48
C GLU A 780 -14.58 26.17 1.41
N PRO A 781 -13.46 26.59 0.79
CA PRO A 781 -13.57 27.51 -0.35
C PRO A 781 -14.35 26.86 -1.48
N LEU A 782 -15.23 27.66 -2.10
CA LEU A 782 -16.11 27.25 -3.18
C LEU A 782 -17.15 26.22 -2.77
N GLU A 783 -17.28 25.96 -1.45
CA GLU A 783 -18.35 25.09 -1.00
C GLU A 783 -19.70 25.82 -1.00
N VAL A 784 -19.70 27.09 -0.59
CA VAL A 784 -20.92 27.89 -0.66
C VAL A 784 -21.33 28.11 -2.11
N ALA A 785 -20.35 28.29 -2.99
CA ALA A 785 -20.65 28.48 -4.41
C ALA A 785 -21.35 27.26 -5.01
N HIS A 786 -21.05 26.07 -4.51
CA HIS A 786 -21.66 24.84 -4.99
C HIS A 786 -22.79 24.36 -4.08
N ASP A 787 -23.05 25.06 -2.97
CA ASP A 787 -24.10 24.65 -2.04
C ASP A 787 -24.38 25.86 -1.13
N LEU A 788 -25.40 26.64 -1.50
CA LEU A 788 -25.71 27.85 -0.75
C LEU A 788 -26.33 27.55 0.61
N SER A 789 -26.76 26.31 0.87
CA SER A 789 -27.24 25.95 2.19
C SER A 789 -26.13 25.95 3.23
N LYS A 790 -24.88 25.82 2.80
CA LYS A 790 -23.73 25.87 3.70
C LYS A 790 -23.22 27.29 3.91
N SER A 791 -24.02 28.30 3.59
CA SER A 791 -23.59 29.67 3.78
C SER A 791 -23.48 29.96 5.27
N PRO A 792 -22.34 30.47 5.74
CA PRO A 792 -22.15 30.63 7.19
C PRO A 792 -23.07 31.68 7.79
N ASP A 793 -23.43 31.48 9.06
CA ASP A 793 -24.28 32.42 9.76
C ASP A 793 -23.51 33.68 10.11
N MET A 794 -23.91 34.81 9.53
CA MET A 794 -23.30 36.10 9.81
C MET A 794 -24.08 36.91 10.83
N GLN A 795 -25.29 36.47 11.19
CA GLN A 795 -26.08 37.17 12.20
C GLN A 795 -25.43 37.07 13.57
N GLY A 796 -25.23 35.84 14.05
CA GLY A 796 -24.52 35.64 15.29
C GLY A 796 -23.05 36.01 15.17
N SER A 797 -22.40 36.10 16.32
CA SER A 797 -20.99 36.48 16.36
C SER A 797 -20.11 35.28 16.01
N HIS A 798 -19.09 35.53 15.22
CA HIS A 798 -18.12 34.49 14.87
C HIS A 798 -17.14 34.27 16.01
N GLN A 799 -16.59 33.06 16.08
CA GLN A 799 -15.67 32.68 17.13
C GLN A 799 -14.41 32.10 16.51
N LEU A 800 -13.26 32.40 17.12
CA LEU A 800 -11.96 31.91 16.67
C LEU A 800 -11.52 30.77 17.57
N LEU A 801 -11.27 29.60 16.96
CA LEU A 801 -10.74 28.46 17.68
C LEU A 801 -9.26 28.32 17.37
N VAL A 802 -8.44 28.31 18.42
CA VAL A 802 -7.00 28.11 18.30
C VAL A 802 -6.65 26.87 19.13
N VAL A 803 -6.03 25.89 18.48
CA VAL A 803 -5.58 24.67 19.14
C VAL A 803 -4.06 24.70 19.17
N SER A 804 -3.49 24.66 20.37
CA SER A 804 -2.07 24.46 20.55
C SER A 804 -1.82 23.01 20.95
N GLU A 805 -0.54 22.67 21.15
CA GLU A 805 -0.22 21.33 21.61
C GLU A 805 -0.73 21.07 23.01
N GLU A 806 -0.97 22.12 23.80
CA GLU A 806 -1.37 21.98 25.19
C GLU A 806 -2.82 22.37 25.46
N GLN A 807 -3.41 23.27 24.67
CA GLN A 807 -4.71 23.82 25.01
C GLN A 807 -5.55 24.06 23.78
N PHE A 808 -6.87 24.04 23.98
CA PHE A 808 -7.86 24.52 23.03
C PHE A 808 -8.38 25.85 23.55
N LYS A 809 -8.62 26.79 22.65
CA LYS A 809 -9.06 28.12 23.06
C LYS A 809 -10.05 28.68 22.06
N VAL A 810 -11.14 29.25 22.56
CA VAL A 810 -12.16 29.89 21.74
C VAL A 810 -12.22 31.37 22.14
N PHE A 811 -12.01 32.24 21.16
CA PHE A 811 -12.18 33.68 21.32
C PHE A 811 -13.38 34.14 20.50
N THR A 812 -13.99 35.24 20.94
CA THR A 812 -15.02 35.89 20.14
C THR A 812 -14.38 36.89 19.19
N LEU A 813 -14.96 37.01 18.00
CA LEU A 813 -14.48 37.93 16.99
C LEU A 813 -15.39 39.16 16.90
N PRO A 814 -14.85 40.33 16.53
CA PRO A 814 -13.47 40.61 16.10
C PRO A 814 -12.51 40.99 17.22
N LYS A 815 -13.00 41.10 18.47
CA LYS A 815 -12.15 41.60 19.54
C LYS A 815 -11.08 40.61 19.98
N VAL A 816 -11.26 39.31 19.66
CA VAL A 816 -10.41 38.23 20.15
C VAL A 816 -10.43 38.25 21.68
N SER A 817 -11.63 38.19 22.25
CA SER A 817 -11.80 38.08 23.69
C SER A 817 -12.03 36.62 24.07
N ALA A 818 -11.26 36.14 25.04
CA ALA A 818 -11.32 34.73 25.41
C ALA A 818 -12.71 34.37 25.93
N LYS A 819 -13.20 33.19 25.52
CA LYS A 819 -14.50 32.71 25.94
C LYS A 819 -14.44 31.35 26.60
N LEU A 820 -13.72 30.39 26.00
CA LEU A 820 -13.66 29.03 26.49
C LEU A 820 -12.26 28.49 26.31
N LYS A 821 -11.90 27.47 27.10
CA LYS A 821 -10.62 26.83 26.91
C LYS A 821 -10.64 25.44 27.54
N LEU A 822 -9.74 24.59 27.05
CA LEU A 822 -9.54 23.24 27.57
C LEU A 822 -8.03 23.00 27.69
N LYS A 823 -7.53 22.90 28.92
CA LYS A 823 -6.10 22.73 29.16
C LYS A 823 -5.79 21.24 29.13
N LEU A 824 -5.64 20.70 27.91
CA LEU A 824 -5.52 19.26 27.74
C LEU A 824 -4.30 18.71 28.45
N THR A 825 -3.11 19.27 28.21
CA THR A 825 -1.90 18.75 28.82
C THR A 825 -1.95 18.86 30.33
N ALA A 826 -2.55 19.92 30.86
CA ALA A 826 -2.70 20.06 32.30
C ALA A 826 -3.58 18.93 32.86
N LEU A 827 -4.73 18.70 32.23
CA LEU A 827 -5.64 17.68 32.73
C LEU A 827 -5.10 16.28 32.50
N GLU A 828 -4.91 15.88 31.24
CA GLU A 828 -4.67 14.49 30.89
C GLU A 828 -3.20 14.16 30.66
N GLY A 829 -2.30 15.15 30.66
CA GLY A 829 -0.89 14.87 30.45
C GLY A 829 -0.50 14.55 29.03
N SER A 830 -1.40 14.73 28.07
CA SER A 830 -1.13 14.45 26.66
C SER A 830 -1.01 15.76 25.88
N ARG A 831 -0.39 15.67 24.72
CA ARG A 831 -0.19 16.82 23.84
C ARG A 831 -0.85 16.55 22.49
N VAL A 832 -1.37 17.61 21.88
CA VAL A 832 -2.06 17.50 20.61
C VAL A 832 -1.02 17.36 19.50
N ARG A 833 -1.11 16.27 18.73
CA ARG A 833 -0.27 16.08 17.55
C ARG A 833 -0.91 16.65 16.30
N ARG A 834 -2.17 16.31 16.04
CA ARG A 834 -2.94 16.98 15.01
C ARG A 834 -4.41 16.90 15.36
N VAL A 835 -5.18 17.82 14.79
CA VAL A 835 -6.60 17.96 15.07
C VAL A 835 -7.32 18.30 13.77
N SER A 836 -8.47 17.67 13.55
CA SER A 836 -9.27 17.93 12.36
C SER A 836 -10.73 18.06 12.75
N VAL A 837 -11.45 18.91 12.02
CA VAL A 837 -12.89 18.98 12.18
C VAL A 837 -13.50 17.75 11.51
N ALA A 838 -14.52 17.18 12.16
CA ALA A 838 -15.17 15.99 11.62
C ALA A 838 -16.66 16.09 11.92
N HIS A 839 -17.47 15.71 10.93
CA HIS A 839 -18.92 15.67 11.08
C HIS A 839 -19.34 14.28 11.54
N PHE A 840 -20.00 14.22 12.69
CA PHE A 840 -20.45 12.94 13.27
C PHE A 840 -21.96 12.85 13.11
N GLY A 841 -22.40 11.92 12.28
CA GLY A 841 -23.82 11.68 12.12
C GLY A 841 -24.35 10.73 13.18
N SER A 842 -25.65 10.88 13.47
CA SER A 842 -26.29 10.02 14.45
C SER A 842 -26.73 8.72 13.80
N ARG A 843 -26.61 7.63 14.54
CA ARG A 843 -27.17 6.35 14.12
C ARG A 843 -28.61 6.17 14.57
N ARG A 844 -29.10 7.04 15.45
CA ARG A 844 -30.48 7.01 15.92
C ARG A 844 -31.40 7.86 15.05
N ALA A 845 -30.87 8.92 14.44
CA ALA A 845 -31.61 9.80 13.54
C ALA A 845 -30.93 9.76 12.18
N GLU A 846 -31.71 9.42 11.15
CA GLU A 846 -31.12 9.15 9.84
C GLU A 846 -30.41 10.38 9.27
N ASP A 847 -30.96 11.57 9.51
CA ASP A 847 -30.40 12.82 8.98
C ASP A 847 -30.20 13.80 10.15
N TYR A 848 -29.15 13.56 10.92
CA TYR A 848 -28.75 14.47 12.00
C TYR A 848 -27.28 14.26 12.29
N GLY A 849 -26.60 15.35 12.64
CA GLY A 849 -25.18 15.27 12.93
C GLY A 849 -24.65 16.56 13.51
N GLU A 850 -23.50 16.44 14.19
CA GLU A 850 -22.84 17.57 14.82
C GLU A 850 -21.36 17.56 14.45
N HIS A 851 -20.79 18.75 14.31
CA HIS A 851 -19.36 18.89 14.08
C HIS A 851 -18.61 18.82 15.41
N HIS A 852 -17.51 18.07 15.43
CA HIS A 852 -16.65 17.98 16.59
C HIS A 852 -15.21 17.91 16.14
N LEU A 853 -14.29 17.94 17.11
CA LEU A 853 -12.86 17.92 16.85
C LEU A 853 -12.32 16.51 17.06
N ALA A 854 -11.77 15.93 15.99
CA ALA A 854 -11.01 14.69 16.10
C ALA A 854 -9.57 15.05 16.43
N VAL A 855 -9.04 14.47 17.50
CA VAL A 855 -7.74 14.86 18.03
C VAL A 855 -6.85 13.64 18.17
N LEU A 856 -5.66 13.71 17.59
CA LEU A 856 -4.64 12.69 17.74
C LEU A 856 -3.57 13.22 18.70
N THR A 857 -3.33 12.50 19.79
CA THR A 857 -2.40 12.95 20.82
C THR A 857 -1.01 12.33 20.60
N ASN A 858 -0.03 12.87 21.33
CA ASN A 858 1.33 12.35 21.24
C ASN A 858 1.49 11.01 21.94
N LEU A 859 0.46 10.55 22.66
CA LEU A 859 0.43 9.22 23.22
C LEU A 859 -0.23 8.22 22.28
N GLY A 860 -0.51 8.63 21.05
CA GLY A 860 -1.18 7.77 20.09
C GLY A 860 -2.68 7.67 20.27
N ASP A 861 -3.24 8.34 21.28
CA ASP A 861 -4.67 8.26 21.51
C ASP A 861 -5.43 9.12 20.51
N ILE A 862 -6.71 8.79 20.34
CA ILE A 862 -7.59 9.55 19.47
C ILE A 862 -8.76 10.04 20.31
N GLN A 863 -8.89 11.35 20.43
CA GLN A 863 -9.90 11.97 21.27
C GLN A 863 -10.89 12.74 20.42
N VAL A 864 -12.11 12.88 20.95
CA VAL A 864 -13.13 13.75 20.39
C VAL A 864 -13.37 14.87 21.39
N VAL A 865 -13.11 16.10 20.95
CA VAL A 865 -13.35 17.30 21.76
C VAL A 865 -14.56 18.01 21.16
N SER A 866 -15.55 18.30 21.99
CA SER A 866 -16.79 18.86 21.50
C SER A 866 -16.59 20.30 21.05
N LEU A 867 -17.40 20.70 20.07
CA LEU A 867 -17.53 22.08 19.62
C LEU A 867 -18.95 22.57 19.94
N PRO A 868 -19.11 23.82 20.39
CA PRO A 868 -18.06 24.82 20.62
C PRO A 868 -17.50 24.84 22.04
N LEU A 869 -17.99 23.94 22.91
CA LEU A 869 -17.73 24.05 24.33
C LEU A 869 -16.39 23.44 24.76
N LEU A 870 -15.69 22.77 23.86
CA LEU A 870 -14.37 22.19 24.16
C LEU A 870 -14.41 21.21 25.31
N LYS A 871 -15.46 20.39 25.35
CA LYS A 871 -15.50 19.37 26.40
C LYS A 871 -15.07 18.03 25.84
N PRO A 872 -14.14 17.32 26.50
CA PRO A 872 -13.68 16.03 25.97
C PRO A 872 -14.79 14.98 26.04
N GLN A 873 -15.07 14.36 24.90
CA GLN A 873 -16.17 13.41 24.79
C GLN A 873 -15.70 11.98 24.99
N VAL A 874 -14.82 11.49 24.13
CA VAL A 874 -14.32 10.11 24.22
C VAL A 874 -12.83 10.11 23.90
N ARG A 875 -12.12 9.14 24.50
CA ARG A 875 -10.71 8.93 24.22
C ARG A 875 -10.48 7.46 23.94
N TYR A 876 -9.84 7.16 22.81
CA TYR A 876 -9.60 5.79 22.38
C TYR A 876 -8.12 5.52 22.22
N SER A 877 -7.70 4.33 22.63
CA SER A 877 -6.38 3.84 22.32
C SER A 877 -6.33 3.39 20.87
N CYS A 878 -5.28 3.78 20.16
CA CYS A 878 -5.22 3.48 18.72
C CYS A 878 -3.81 3.12 18.30
N ILE A 879 -2.90 4.08 18.35
CA ILE A 879 -1.51 3.90 17.96
C ILE A 879 -0.66 3.86 19.22
N ARG A 880 0.32 2.96 19.24
CA ARG A 880 1.24 2.91 20.36
C ARG A 880 2.01 4.22 20.46
N ARG A 881 2.24 4.68 21.69
CA ARG A 881 2.94 5.94 21.88
C ARG A 881 4.40 5.86 21.45
N GLU A 882 4.96 4.65 21.35
CA GLU A 882 6.30 4.48 20.83
C GLU A 882 6.35 4.46 19.31
N ASP A 883 5.19 4.40 18.64
CA ASP A 883 5.14 4.31 17.19
C ASP A 883 5.12 5.73 16.62
N VAL A 884 6.31 6.34 16.57
CA VAL A 884 6.41 7.73 16.14
C VAL A 884 6.12 7.87 14.65
N SER A 885 6.41 6.84 13.84
CA SER A 885 6.09 6.91 12.42
C SER A 885 4.59 6.74 12.19
N GLY A 886 3.97 5.79 12.88
CA GLY A 886 2.53 5.62 12.73
C GLY A 886 1.75 6.84 13.19
N ILE A 887 2.17 7.46 14.28
CA ILE A 887 1.52 8.68 14.76
C ILE A 887 1.72 9.79 13.75
N ALA A 888 2.93 9.92 13.20
CA ALA A 888 3.20 10.98 12.24
C ALA A 888 2.39 10.83 10.97
N SER A 889 2.09 9.59 10.57
CA SER A 889 1.38 9.31 9.33
C SER A 889 -0.13 9.39 9.46
N CYS A 890 -0.66 9.47 10.68
CA CYS A 890 -2.10 9.37 10.88
C CYS A 890 -2.82 10.56 10.26
N VAL A 891 -3.92 10.29 9.57
CA VAL A 891 -4.71 11.31 8.89
C VAL A 891 -6.20 11.00 9.12
N PHE A 892 -6.98 12.04 9.35
CA PHE A 892 -8.42 11.91 9.61
C PHE A 892 -9.21 12.23 8.35
N THR A 893 -10.45 11.74 8.32
CA THR A 893 -11.41 12.08 7.28
C THR A 893 -12.41 13.08 7.82
N LYS A 894 -13.13 13.73 6.91
CA LYS A 894 -14.08 14.76 7.31
C LYS A 894 -15.28 14.20 8.08
N TYR A 895 -15.49 12.89 8.03
CA TYR A 895 -16.71 12.28 8.55
C TYR A 895 -16.42 11.16 9.56
N GLY A 896 -15.28 11.22 10.23
CA GLY A 896 -15.02 10.37 11.38
C GLY A 896 -14.24 9.11 11.13
N GLN A 897 -13.56 8.98 10.00
CA GLN A 897 -12.67 7.86 9.76
C GLN A 897 -11.23 8.34 9.81
N GLY A 898 -10.31 7.38 9.74
CA GLY A 898 -8.89 7.74 9.77
C GLY A 898 -8.03 6.60 9.27
N PHE A 899 -6.78 6.96 8.95
CA PHE A 899 -5.80 6.03 8.46
C PHE A 899 -4.46 6.32 9.12
N TYR A 900 -3.71 5.27 9.45
CA TYR A 900 -2.34 5.43 9.91
C TYR A 900 -1.52 4.24 9.41
N LEU A 901 -0.21 4.47 9.28
CA LEU A 901 0.69 3.46 8.74
C LEU A 901 1.11 2.49 9.83
N ILE A 902 0.74 1.21 9.66
CA ILE A 902 1.26 0.15 10.51
C ILE A 902 2.58 -0.40 10.00
N SER A 903 2.99 -0.01 8.80
CA SER A 903 4.24 -0.43 8.20
C SER A 903 4.57 0.58 7.11
N PRO A 904 5.77 0.53 6.53
CA PRO A 904 6.07 1.47 5.45
C PRO A 904 5.15 1.35 4.25
N SER A 905 4.43 0.23 4.10
CA SER A 905 3.74 -0.06 2.84
C SER A 905 2.25 -0.36 3.01
N GLU A 906 1.64 -0.08 4.17
CA GLU A 906 0.19 -0.27 4.24
C GLU A 906 -0.42 0.51 5.40
N PHE A 907 -1.61 1.03 5.16
CA PHE A 907 -2.40 1.75 6.16
C PHE A 907 -3.30 0.81 6.91
N GLU A 908 -3.68 1.21 8.13
CA GLU A 908 -4.81 0.62 8.83
C GLU A 908 -5.92 1.66 8.88
N ARG A 909 -7.12 1.25 8.46
CA ARG A 909 -8.28 2.12 8.52
C ARG A 909 -9.00 1.94 9.84
N PHE A 910 -9.28 3.04 10.52
CA PHE A 910 -10.09 3.01 11.73
C PHE A 910 -11.27 3.95 11.55
N SER A 911 -12.30 3.73 12.36
CA SER A 911 -13.47 4.58 12.39
C SER A 911 -13.81 4.90 13.83
N LEU A 912 -14.16 6.17 14.09
CA LEU A 912 -14.67 6.60 15.38
C LEU A 912 -16.12 7.07 15.28
N SER A 913 -16.75 6.88 14.12
CA SER A 913 -18.11 7.32 13.88
C SER A 913 -19.02 6.11 13.72
N THR A 914 -20.24 6.20 14.28
CA THR A 914 -21.21 5.12 14.13
C THR A 914 -21.77 5.03 12.71
N LYS A 915 -21.54 6.04 11.87
CA LYS A 915 -22.09 6.04 10.52
C LYS A 915 -21.20 5.31 9.51
N TRP A 916 -19.95 5.03 9.88
CA TRP A 916 -18.98 4.43 8.97
C TRP A 916 -18.40 3.17 9.58
N LEU A 917 -18.30 2.11 8.76
CA LEU A 917 -17.68 0.85 9.17
C LEU A 917 -17.31 0.10 7.88
N VAL A 918 -16.20 0.52 7.28
CA VAL A 918 -15.73 -0.07 6.02
C VAL A 918 -14.91 -1.32 6.32
N GLU A 919 -15.58 -2.47 6.28
CA GLU A 919 -14.94 -3.76 6.49
C GLU A 919 -15.37 -4.72 5.39
N PRO A 920 -14.56 -5.72 5.08
CA PRO A 920 -14.93 -6.67 4.02
C PRO A 920 -16.02 -7.62 4.47
N ARG A 921 -16.92 -7.93 3.54
CA ARG A 921 -17.93 -8.97 3.72
C ARG A 921 -18.12 -9.69 2.39
N CYS A 922 -17.92 -10.99 2.38
CA CYS A 922 -17.86 -11.71 1.11
C CYS A 922 -18.22 -13.18 1.32
N LEU A 923 -18.50 -13.85 0.20
CA LEU A 923 -18.86 -15.26 0.17
C LEU A 923 -18.00 -15.98 -0.84
N VAL A 924 -17.51 -17.16 -0.48
CA VAL A 924 -16.70 -18.00 -1.37
C VAL A 924 -17.09 -19.44 -1.13
N ASP A 925 -17.48 -20.15 -2.21
CA ASP A 925 -17.92 -21.52 -2.11
C ASP A 925 -17.41 -22.29 -3.32
N SER A 926 -17.48 -23.62 -3.23
CA SER A 926 -16.99 -24.49 -4.29
C SER A 926 -18.15 -25.18 -5.02
CL CL B . -16.52 2.42 21.54
C1 GOL C . -7.50 -4.53 0.69
O1 GOL C . -8.40 -4.11 1.68
C2 GOL C . -6.49 -3.38 0.49
O2 GOL C . -7.00 -2.36 -0.29
C3 GOL C . -5.27 -4.06 -0.15
O3 GOL C . -4.59 -3.07 -0.86
#